data_9EDN
#
_entry.id   9EDN
#
_cell.length_a   60.140
_cell.length_b   80.960
_cell.length_c   71.790
_cell.angle_alpha   90.00
_cell.angle_beta   113.44
_cell.angle_gamma   90.00
#
_symmetry.space_group_name_H-M   'P 1 21 1'
#
loop_
_entity.id
_entity.type
_entity.pdbx_description
1 polymer VP1
2 non-polymer 1,2-ETHANEDIOL
3 non-polymer 'CHLORIDE ION'
4 water water
#
_entity_poly.entity_id   1
_entity_poly.type   'polypeptide(L)'
_entity_poly.pdbx_seq_one_letter_code
;SKPFTIPILTIGEMTNSRFPVPIDMLHTSPTENIVVQPQNGRCTIDGELLGTTQLITSNICSFRGSISGHEGNDDQHLWH
FNITNPNGTPFDPTEDVPAPLGTPDFRGQLYGVISQRDREGTPSENNQKANRSHQGVISTISPKFVPKLGSVMIGTWTTD
DIKNQPSKFTPIGLNDDDNFKQWELPNYSGALTLNMGLAPSVFPTYPGEQILFFRSYLPLKGGYGSPFIDCLVPQEWVAH
FYQESAPAQTDVALIRYVNPETGRVLFEAKLHRQGFITVAKSGDSPINVPANGYFRFDSWVNQFYSLAPM
;
_entity_poly.pdbx_strand_id   A,B
#
loop_
_chem_comp.id
_chem_comp.type
_chem_comp.name
_chem_comp.formula
CL non-polymer 'CHLORIDE ION' 'Cl -1'
EDO non-polymer 1,2-ETHANEDIOL 'C2 H6 O2'
#
# COMPACT_ATOMS: atom_id res chain seq x y z
N SER A 1 6.02 4.58 -32.56
CA SER A 1 6.39 4.14 -31.23
C SER A 1 5.40 4.67 -30.20
N LYS A 2 5.04 3.83 -29.25
CA LYS A 2 4.12 4.26 -28.19
C LYS A 2 4.73 5.44 -27.45
N PRO A 3 4.01 6.56 -27.32
CA PRO A 3 4.57 7.70 -26.59
C PRO A 3 4.84 7.37 -25.13
N PHE A 4 5.98 7.83 -24.64
CA PHE A 4 6.34 7.71 -23.23
C PHE A 4 5.55 8.73 -22.40
N THR A 5 5.07 8.29 -21.25
CA THR A 5 4.29 9.14 -20.35
C THR A 5 4.65 8.82 -18.90
N ILE A 6 4.40 9.79 -18.04
CA ILE A 6 4.59 9.72 -16.59
C ILE A 6 3.24 9.91 -15.92
N PRO A 7 2.95 9.25 -14.79
CA PRO A 7 1.68 9.50 -14.11
C PRO A 7 1.50 10.97 -13.76
N ILE A 8 0.24 11.40 -13.72
CA ILE A 8 -0.05 12.78 -13.34
C ILE A 8 -0.41 12.89 -11.86
N LEU A 9 -0.27 11.81 -11.11
CA LEU A 9 -0.54 11.82 -9.68
C LEU A 9 0.39 12.79 -8.95
N THR A 10 -0.15 13.50 -7.96
CA THR A 10 0.64 14.37 -7.12
C THR A 10 1.43 13.53 -6.12
N ILE A 11 2.39 14.19 -5.46
CA ILE A 11 3.14 13.57 -4.37
C ILE A 11 2.20 13.00 -3.33
N GLY A 12 1.13 13.74 -2.99
CA GLY A 12 0.13 13.32 -2.02
C GLY A 12 -0.86 12.31 -2.56
N GLU A 13 -0.58 11.77 -3.75
CA GLU A 13 -1.35 10.68 -4.32
C GLU A 13 -0.48 9.47 -4.61
N MET A 14 0.75 9.44 -4.11
CA MET A 14 1.70 8.40 -4.45
C MET A 14 2.39 7.84 -3.21
N THR A 15 3.05 6.69 -3.42
CA THR A 15 3.64 5.87 -2.37
CA THR A 15 3.68 6.00 -2.31
C THR A 15 5.16 5.77 -2.59
N ASN A 16 5.91 5.75 -1.50
CA ASN A 16 7.33 5.46 -1.60
C ASN A 16 7.52 4.03 -2.11
N SER A 17 8.46 3.84 -3.02
CA SER A 17 8.72 2.52 -3.58
C SER A 17 9.69 1.70 -2.75
N ARG A 18 10.21 2.26 -1.66
CA ARG A 18 11.07 1.53 -0.75
C ARG A 18 10.43 1.26 0.62
N PHE A 19 9.22 1.78 0.87
CA PHE A 19 8.54 1.54 2.14
C PHE A 19 7.10 1.94 1.93
N PRO A 20 6.11 1.17 2.44
CA PRO A 20 4.70 1.41 2.06
C PRO A 20 4.04 2.55 2.81
N VAL A 21 4.46 3.77 2.50
CA VAL A 21 3.92 4.99 3.08
C VAL A 21 3.81 6.05 2.01
N PRO A 22 2.98 7.07 2.22
CA PRO A 22 2.92 8.19 1.28
C PRO A 22 4.27 8.87 1.14
N ILE A 23 4.48 9.49 -0.02
CA ILE A 23 5.65 10.36 -0.20
C ILE A 23 5.40 11.67 0.55
N ASP A 24 6.38 12.13 1.32
CA ASP A 24 6.28 13.40 2.04
C ASP A 24 6.79 14.58 1.24
N MET A 25 7.89 14.45 0.51
CA MET A 25 8.49 15.61 -0.15
C MET A 25 9.52 15.14 -1.17
N LEU A 26 9.84 16.03 -2.10
CA LEU A 26 11.02 15.88 -2.92
C LEU A 26 12.27 16.23 -2.10
N HIS A 27 13.41 15.66 -2.48
CA HIS A 27 14.66 15.91 -1.80
C HIS A 27 15.80 15.82 -2.80
N THR A 28 16.77 16.74 -2.71
CA THR A 28 18.03 16.56 -3.43
C THR A 28 19.18 17.04 -2.55
N SER A 29 20.30 16.33 -2.63
CA SER A 29 21.49 16.68 -1.89
C SER A 29 22.69 16.02 -2.55
N PRO A 30 23.90 16.45 -2.22
CA PRO A 30 25.09 15.79 -2.78
C PRO A 30 25.20 14.34 -2.31
N THR A 31 25.66 13.46 -3.22
CA THR A 31 25.78 12.04 -2.91
C THR A 31 27.15 11.49 -3.30
N GLU A 32 28.14 12.37 -3.44
CA GLU A 32 29.45 11.93 -3.94
C GLU A 32 30.06 10.87 -3.03
N ASN A 33 29.79 10.93 -1.73
CA ASN A 33 30.43 10.02 -0.79
C ASN A 33 29.51 8.89 -0.34
N ILE A 34 28.42 8.66 -1.03
CA ILE A 34 27.57 7.52 -0.75
C ILE A 34 27.36 6.75 -2.03
N VAL A 35 27.10 5.47 -1.91
CA VAL A 35 26.73 4.65 -3.06
C VAL A 35 25.23 4.47 -3.03
N VAL A 36 24.56 4.98 -4.05
CA VAL A 36 23.11 4.94 -4.15
C VAL A 36 22.73 3.70 -4.95
N GLN A 37 22.37 2.62 -4.26
CA GLN A 37 22.09 1.34 -4.92
C GLN A 37 20.88 0.66 -4.29
N PRO A 38 19.75 1.35 -4.17
CA PRO A 38 18.55 0.70 -3.62
C PRO A 38 18.10 -0.41 -4.57
N GLN A 39 17.37 -1.37 -4.00
CA GLN A 39 16.92 -2.53 -4.75
C GLN A 39 15.41 -2.59 -4.91
N ASN A 40 14.65 -1.90 -4.06
CA ASN A 40 13.23 -1.66 -4.29
C ASN A 40 13.08 -0.31 -4.99
N GLY A 41 11.99 -0.18 -5.74
CA GLY A 41 11.76 1.03 -6.51
C GLY A 41 12.69 1.17 -7.69
N ARG A 42 13.04 0.04 -8.34
CA ARG A 42 13.96 0.00 -9.47
C ARG A 42 13.21 -0.52 -10.69
N CYS A 43 12.96 0.37 -11.65
CA CYS A 43 12.31 0.01 -12.89
C CYS A 43 12.84 0.93 -13.98
N THR A 44 13.25 0.35 -15.10
CA THR A 44 13.64 1.19 -16.22
C THR A 44 12.40 1.90 -16.79
N ILE A 45 12.64 3.00 -17.51
CA ILE A 45 11.50 3.77 -17.99
C ILE A 45 10.76 3.03 -19.09
N ASP A 46 11.41 2.04 -19.72
CA ASP A 46 10.76 1.17 -20.70
C ASP A 46 10.20 -0.11 -20.07
N GLY A 47 10.14 -0.19 -18.74
CA GLY A 47 9.33 -1.17 -18.04
C GLY A 47 10.00 -2.41 -17.48
N GLU A 48 11.33 -2.44 -17.38
CA GLU A 48 12.02 -3.61 -16.83
C GLU A 48 12.20 -3.47 -15.31
N LEU A 49 11.60 -4.37 -14.55
CA LEU A 49 11.81 -4.40 -13.10
C LEU A 49 13.23 -4.88 -12.80
N LEU A 50 13.86 -4.27 -11.80
CA LEU A 50 15.21 -4.62 -11.39
C LEU A 50 15.28 -4.89 -9.90
N GLY A 51 16.37 -5.51 -9.47
CA GLY A 51 16.58 -5.70 -8.05
C GLY A 51 15.53 -6.60 -7.44
N THR A 52 15.00 -6.17 -6.30
CA THR A 52 13.91 -6.87 -5.62
C THR A 52 12.55 -6.23 -5.89
N THR A 53 12.43 -5.45 -6.95
CA THR A 53 11.23 -4.65 -7.16
C THR A 53 10.06 -5.48 -7.64
N GLN A 54 8.93 -5.33 -6.97
CA GLN A 54 7.67 -5.92 -7.39
C GLN A 54 6.61 -4.80 -7.47
N LEU A 55 5.35 -5.16 -7.74
CA LEU A 55 4.36 -4.18 -8.16
C LEU A 55 3.47 -3.63 -7.05
N ILE A 56 3.31 -4.31 -5.93
CA ILE A 56 2.29 -4.01 -4.94
C ILE A 56 2.92 -3.17 -3.82
N THR A 57 2.37 -1.98 -3.57
CA THR A 57 2.85 -1.12 -2.49
CA THR A 57 2.95 -1.15 -2.51
C THR A 57 2.93 -1.88 -1.17
N SER A 58 1.83 -2.55 -0.84
CA SER A 58 1.69 -3.19 0.45
CA SER A 58 1.70 -3.18 0.46
C SER A 58 2.66 -4.35 0.65
N ASN A 59 3.30 -4.85 -0.41
CA ASN A 59 4.27 -5.93 -0.28
C ASN A 59 5.70 -5.43 -0.11
N ILE A 60 5.94 -4.12 -0.20
CA ILE A 60 7.27 -3.60 0.03
C ILE A 60 7.63 -3.74 1.50
N CYS A 61 8.78 -4.35 1.78
CA CYS A 61 9.22 -4.64 3.14
C CYS A 61 8.29 -5.58 3.89
N SER A 62 7.52 -6.39 3.17
CA SER A 62 6.72 -7.45 3.74
CA SER A 62 6.71 -7.45 3.71
C SER A 62 7.36 -8.79 3.43
N PHE A 63 7.11 -9.75 4.31
CA PHE A 63 7.49 -11.14 4.10
C PHE A 63 6.29 -12.03 4.36
N ARG A 64 6.23 -13.16 3.68
CA ARG A 64 5.24 -14.19 3.97
CA ARG A 64 5.25 -14.18 4.02
C ARG A 64 5.92 -15.55 3.93
N GLY A 65 5.35 -16.51 4.65
CA GLY A 65 5.87 -17.86 4.70
C GLY A 65 5.35 -18.54 5.94
N SER A 66 6.23 -19.06 6.77
CA SER A 66 5.80 -19.76 7.97
CA SER A 66 5.82 -19.81 7.95
C SER A 66 6.92 -19.75 8.99
N ILE A 67 6.53 -19.80 10.25
CA ILE A 67 7.49 -19.96 11.35
C ILE A 67 7.76 -21.44 11.53
N SER A 68 9.04 -21.78 11.59
N SER A 68 9.02 -21.81 11.72
CA SER A 68 9.52 -23.14 11.86
CA SER A 68 9.39 -23.21 11.85
C SER A 68 10.60 -23.06 12.92
C SER A 68 9.93 -23.59 13.22
N GLY A 69 10.18 -22.64 14.10
CA GLY A 69 10.90 -22.92 15.31
C GLY A 69 11.26 -21.67 16.09
N HIS A 70 11.49 -21.87 17.36
CA HIS A 70 11.93 -20.85 18.31
C HIS A 70 13.43 -20.92 18.44
N GLU A 71 14.06 -19.76 18.46
CA GLU A 71 15.49 -19.64 18.72
C GLU A 71 15.75 -18.75 19.92
N GLY A 72 14.69 -18.22 20.53
CA GLY A 72 14.77 -17.10 21.44
C GLY A 72 15.51 -17.40 22.73
N ASN A 73 16.71 -16.83 22.89
CA ASN A 73 17.47 -16.96 24.13
C ASN A 73 17.24 -15.74 25.01
N ASP A 74 18.30 -15.06 25.42
CA ASP A 74 18.16 -13.89 26.28
C ASP A 74 17.58 -12.74 25.47
N ASP A 75 17.31 -11.64 26.18
CA ASP A 75 16.71 -10.45 25.59
C ASP A 75 15.27 -10.67 25.14
N GLN A 76 15.02 -11.70 24.33
CA GLN A 76 13.68 -11.82 23.76
C GLN A 76 13.48 -13.17 23.08
N HIS A 77 12.23 -13.43 22.72
CA HIS A 77 11.89 -14.58 21.90
C HIS A 77 12.21 -14.27 20.45
N LEU A 78 12.89 -15.22 19.81
CA LEU A 78 13.32 -15.13 18.42
C LEU A 78 12.77 -16.35 17.69
N TRP A 79 12.40 -16.17 16.43
CA TRP A 79 11.69 -17.19 15.69
C TRP A 79 12.28 -17.30 14.30
N HIS A 80 12.37 -18.53 13.80
CA HIS A 80 12.86 -18.80 12.46
C HIS A 80 11.70 -18.69 11.47
N PHE A 81 11.81 -17.74 10.55
CA PHE A 81 10.75 -17.38 9.60
C PHE A 81 11.20 -17.81 8.20
N ASN A 82 10.68 -18.94 7.74
CA ASN A 82 10.87 -19.36 6.36
C ASN A 82 10.02 -18.49 5.46
N ILE A 83 10.63 -17.90 4.43
CA ILE A 83 9.92 -16.97 3.57
C ILE A 83 9.79 -17.55 2.16
N THR A 84 8.71 -17.16 1.50
CA THR A 84 8.36 -17.63 0.17
C THR A 84 8.18 -16.45 -0.76
N ASN A 85 7.99 -16.74 -2.04
N ASN A 85 7.73 -16.80 -1.98
CA ASN A 85 7.68 -15.64 -2.93
CA ASN A 85 7.09 -15.90 -2.94
C ASN A 85 6.43 -14.94 -2.40
C ASN A 85 5.60 -15.74 -2.62
N PRO A 86 6.22 -13.67 -2.78
N PRO A 86 4.94 -14.74 -3.22
CA PRO A 86 4.98 -13.00 -2.38
CA PRO A 86 3.55 -14.44 -2.81
C PRO A 86 3.71 -13.75 -2.77
C PRO A 86 2.57 -15.59 -2.98
N ASN A 87 3.77 -14.61 -3.79
N ASN A 87 2.66 -16.35 -4.06
CA ASN A 87 2.59 -15.38 -4.18
CA ASN A 87 1.67 -17.39 -4.31
C ASN A 87 2.50 -16.73 -3.47
C ASN A 87 1.96 -18.68 -3.53
N GLY A 88 3.45 -17.07 -2.60
N GLY A 88 2.74 -18.60 -2.46
CA GLY A 88 3.34 -18.26 -1.79
CA GLY A 88 3.17 -19.80 -1.76
C GLY A 88 4.14 -19.47 -2.26
C GLY A 88 4.27 -20.54 -2.48
N THR A 89 4.74 -19.45 -3.45
N THR A 89 4.60 -20.14 -3.70
CA THR A 89 5.54 -20.59 -3.92
CA THR A 89 5.70 -20.77 -4.39
C THR A 89 6.96 -20.50 -3.35
C THR A 89 6.99 -20.55 -3.61
N PRO A 90 7.75 -21.58 -3.36
CA PRO A 90 9.07 -21.45 -2.74
C PRO A 90 10.00 -20.58 -3.57
N PHE A 91 10.78 -19.74 -2.86
CA PHE A 91 11.75 -18.90 -3.54
C PHE A 91 12.89 -19.76 -4.07
N ASP A 92 13.29 -19.49 -5.31
CA ASP A 92 14.37 -20.21 -5.97
C ASP A 92 15.62 -19.34 -5.92
N PRO A 93 16.61 -19.67 -5.09
CA PRO A 93 17.80 -18.79 -5.00
CA PRO A 93 17.80 -18.80 -4.99
C PRO A 93 18.66 -18.75 -6.24
N THR A 94 18.44 -19.63 -7.22
CA THR A 94 19.21 -19.56 -8.45
C THR A 94 18.66 -18.50 -9.41
N GLU A 95 17.50 -17.92 -9.09
CA GLU A 95 17.00 -16.80 -9.87
C GLU A 95 17.96 -15.63 -9.74
N ASP A 96 18.12 -14.87 -10.82
CA ASP A 96 19.02 -13.72 -10.88
C ASP A 96 18.40 -12.51 -10.19
N VAL A 97 18.04 -12.70 -8.93
CA VAL A 97 17.47 -11.62 -8.12
CA VAL A 97 17.40 -11.70 -8.08
C VAL A 97 18.16 -11.67 -6.75
N PRO A 98 18.18 -10.55 -6.03
CA PRO A 98 18.95 -10.52 -4.78
C PRO A 98 18.35 -11.33 -3.66
N ALA A 99 17.03 -11.48 -3.65
CA ALA A 99 16.26 -11.99 -2.53
C ALA A 99 14.81 -12.00 -2.99
N PRO A 100 13.89 -12.57 -2.23
CA PRO A 100 12.48 -12.49 -2.59
C PRO A 100 12.05 -11.05 -2.81
N LEU A 101 11.18 -10.85 -3.79
CA LEU A 101 10.82 -9.49 -4.15
C LEU A 101 10.17 -8.81 -2.95
N GLY A 102 10.49 -7.52 -2.79
CA GLY A 102 10.02 -6.73 -1.67
C GLY A 102 10.87 -6.79 -0.42
N THR A 103 11.85 -7.68 -0.35
CA THR A 103 12.71 -7.74 0.82
C THR A 103 13.30 -6.35 1.08
N PRO A 104 13.48 -5.92 2.34
CA PRO A 104 14.10 -4.61 2.59
CA PRO A 104 14.10 -4.62 2.59
C PRO A 104 15.49 -4.51 1.97
N ASP A 105 15.85 -3.29 1.57
CA ASP A 105 17.11 -2.99 0.90
C ASP A 105 18.00 -2.05 1.71
N PHE A 106 17.92 -2.14 3.03
CA PHE A 106 18.68 -1.27 3.93
C PHE A 106 19.09 -2.08 5.15
N ARG A 107 20.08 -1.55 5.87
CA ARG A 107 20.50 -2.08 7.17
C ARG A 107 19.73 -1.35 8.27
N GLY A 108 19.01 -2.11 9.08
CA GLY A 108 18.27 -1.53 10.18
C GLY A 108 17.40 -2.57 10.85
N GLN A 109 16.56 -2.08 11.75
CA GLN A 109 15.69 -2.89 12.57
C GLN A 109 14.26 -2.63 12.11
N LEU A 110 13.73 -3.54 11.30
CA LEU A 110 12.42 -3.36 10.70
C LEU A 110 11.32 -3.76 11.69
N TYR A 111 10.45 -2.81 12.04
CA TYR A 111 9.38 -2.99 13.02
C TYR A 111 8.04 -3.14 12.30
N GLY A 112 7.25 -4.12 12.76
CA GLY A 112 5.93 -4.31 12.21
C GLY A 112 5.15 -5.32 13.01
N VAL A 113 4.20 -5.98 12.35
CA VAL A 113 3.33 -6.96 13.00
C VAL A 113 3.41 -8.26 12.22
N ILE A 114 3.65 -9.36 12.94
CA ILE A 114 3.51 -10.69 12.38
C ILE A 114 2.11 -11.22 12.68
N SER A 115 1.41 -11.64 11.63
CA SER A 115 0.09 -12.24 11.74
CA SER A 115 0.09 -12.24 11.72
C SER A 115 0.16 -13.68 11.27
N GLN A 116 -0.58 -14.55 11.94
CA GLN A 116 -0.64 -15.96 11.61
C GLN A 116 -2.09 -16.39 11.47
N ARG A 117 -2.32 -17.33 10.55
CA ARG A 117 -3.58 -18.05 10.45
C ARG A 117 -3.19 -19.50 10.22
N ASP A 118 -3.67 -20.39 11.07
CA ASP A 118 -3.17 -21.76 11.07
C ASP A 118 -3.58 -22.52 9.79
N ARG A 119 -2.74 -23.50 9.43
CA ARG A 119 -2.93 -24.17 8.14
C ARG A 119 -4.10 -25.14 8.14
N GLU A 120 -4.45 -25.67 9.30
CA GLU A 120 -5.60 -26.56 9.41
C GLU A 120 -6.58 -26.01 10.44
N GLY A 121 -7.85 -26.34 10.26
CA GLY A 121 -8.86 -25.93 11.21
C GLY A 121 -8.71 -26.61 12.55
N THR A 122 -9.37 -26.02 13.55
CA THR A 122 -9.38 -26.53 14.91
C THR A 122 -10.65 -27.32 15.14
N PRO A 123 -10.57 -28.63 15.40
CA PRO A 123 -11.81 -29.44 15.46
CA PRO A 123 -11.82 -29.43 15.45
C PRO A 123 -12.77 -29.04 16.57
N SER A 124 -12.26 -28.46 17.67
CA SER A 124 -13.14 -28.03 18.76
C SER A 124 -13.73 -26.64 18.54
N GLU A 125 -13.44 -26.03 17.39
CA GLU A 125 -14.01 -24.73 16.99
C GLU A 125 -14.67 -24.85 15.62
N ASN A 126 -15.41 -25.94 15.41
CA ASN A 126 -16.14 -26.18 14.16
CA ASN A 126 -16.14 -26.15 14.16
C ASN A 126 -15.22 -26.07 12.94
N ASN A 127 -13.97 -26.49 13.10
CA ASN A 127 -12.98 -26.51 12.02
C ASN A 127 -12.56 -25.12 11.54
N GLN A 128 -12.85 -24.08 12.32
CA GLN A 128 -12.33 -22.76 12.00
C GLN A 128 -10.84 -22.70 12.30
N LYS A 129 -10.15 -21.81 11.59
CA LYS A 129 -8.71 -21.64 11.77
CA LYS A 129 -8.72 -21.61 11.74
C LYS A 129 -8.42 -20.64 12.89
N ALA A 130 -7.41 -20.98 13.69
CA ALA A 130 -6.92 -20.10 14.74
C ALA A 130 -6.01 -19.03 14.14
N ASN A 131 -5.92 -17.90 14.86
CA ASN A 131 -5.18 -16.73 14.41
C ASN A 131 -4.44 -16.10 15.59
N ARG A 132 -3.37 -15.39 15.29
CA ARG A 132 -2.75 -14.51 16.27
C ARG A 132 -1.89 -13.50 15.54
N SER A 133 -1.82 -12.27 16.08
CA SER A 133 -0.90 -11.25 15.57
C SER A 133 -0.23 -10.56 16.74
N HIS A 134 1.06 -10.22 16.56
CA HIS A 134 1.84 -9.53 17.57
C HIS A 134 2.89 -8.67 16.89
N GLN A 135 3.41 -7.69 17.62
CA GLN A 135 4.51 -6.90 17.11
C GLN A 135 5.77 -7.74 16.97
N GLY A 136 6.57 -7.43 15.96
CA GLY A 136 7.85 -8.08 15.79
C GLY A 136 8.85 -7.16 15.14
N VAL A 137 10.12 -7.53 15.26
CA VAL A 137 11.23 -6.81 14.67
CA VAL A 137 11.22 -6.80 14.64
C VAL A 137 12.07 -7.79 13.87
N ILE A 138 12.39 -7.44 12.63
CA ILE A 138 13.29 -8.21 11.79
C ILE A 138 14.54 -7.38 11.61
N SER A 139 15.65 -7.86 12.19
CA SER A 139 16.94 -7.23 12.02
C SER A 139 17.50 -7.59 10.65
N THR A 140 17.76 -6.60 9.81
CA THR A 140 18.35 -6.90 8.51
C THR A 140 19.86 -7.00 8.57
N ILE A 141 20.44 -6.84 9.76
CA ILE A 141 21.88 -7.00 9.96
C ILE A 141 22.25 -8.29 10.68
N SER A 142 21.28 -9.05 11.17
CA SER A 142 21.59 -10.27 11.88
C SER A 142 22.24 -11.28 10.93
N PRO A 143 23.15 -12.12 11.44
CA PRO A 143 23.64 -13.25 10.63
CA PRO A 143 23.63 -13.22 10.60
C PRO A 143 22.53 -14.19 10.20
N LYS A 144 21.37 -14.14 10.84
CA LYS A 144 20.24 -14.98 10.50
C LYS A 144 19.31 -14.31 9.48
N PHE A 145 19.62 -13.09 9.06
CA PHE A 145 18.90 -12.46 7.96
C PHE A 145 19.50 -13.00 6.68
N VAL A 146 18.89 -14.06 6.16
CA VAL A 146 19.37 -14.74 4.96
C VAL A 146 18.22 -14.92 3.98
N PRO A 147 17.56 -13.85 3.57
CA PRO A 147 16.36 -14.02 2.73
C PRO A 147 16.65 -14.72 1.40
N LYS A 148 17.83 -14.49 0.81
CA LYS A 148 18.19 -15.18 -0.44
C LYS A 148 18.26 -16.69 -0.22
N LEU A 149 18.57 -17.12 1.00
CA LEU A 149 18.59 -18.53 1.37
C LEU A 149 17.27 -19.01 1.95
N GLY A 150 16.23 -18.18 1.93
CA GLY A 150 14.90 -18.59 2.27
C GLY A 150 14.44 -18.34 3.69
N SER A 151 15.17 -17.57 4.49
CA SER A 151 14.69 -17.34 5.85
C SER A 151 15.24 -16.06 6.45
N VAL A 152 14.51 -15.55 7.45
CA VAL A 152 14.94 -14.45 8.30
C VAL A 152 14.57 -14.82 9.73
N MET A 153 15.08 -14.04 10.67
CA MET A 153 14.74 -14.20 12.07
CA MET A 153 14.73 -14.20 12.07
C MET A 153 13.89 -13.01 12.52
N ILE A 154 12.82 -13.29 13.27
CA ILE A 154 11.94 -12.24 13.80
C ILE A 154 11.94 -12.34 15.32
N GLY A 155 12.06 -11.19 15.98
CA GLY A 155 11.95 -11.13 17.43
C GLY A 155 10.61 -10.55 17.86
N THR A 156 10.10 -11.04 19.00
CA THR A 156 8.80 -10.61 19.49
C THR A 156 8.86 -10.17 20.96
N TRP A 157 10.04 -9.74 21.42
CA TRP A 157 10.23 -9.28 22.81
C TRP A 157 9.78 -10.38 23.77
N THR A 158 8.90 -10.10 24.71
CA THR A 158 8.49 -11.09 25.71
C THR A 158 7.28 -11.91 25.27
N THR A 159 6.78 -11.69 24.05
CA THR A 159 5.61 -12.42 23.57
C THR A 159 6.03 -13.81 23.08
N ASP A 160 5.47 -14.86 23.70
CA ASP A 160 5.76 -16.23 23.33
C ASP A 160 4.66 -16.88 22.48
N ASP A 161 3.63 -16.12 22.11
CA ASP A 161 2.43 -16.64 21.44
C ASP A 161 2.60 -16.58 19.93
N ILE A 162 3.58 -17.35 19.44
CA ILE A 162 3.87 -17.53 18.04
C ILE A 162 3.93 -19.03 17.80
N LYS A 163 3.21 -19.51 16.79
CA LYS A 163 3.13 -20.92 16.46
C LYS A 163 3.85 -21.21 15.16
N ASN A 164 4.07 -22.51 14.92
CA ASN A 164 4.78 -22.94 13.72
C ASN A 164 3.77 -23.06 12.58
N GLN A 165 3.41 -21.89 12.04
CA GLN A 165 2.21 -21.76 11.22
C GLN A 165 2.43 -20.71 10.15
N PRO A 166 1.55 -20.65 9.15
CA PRO A 166 1.65 -19.62 8.10
C PRO A 166 1.60 -18.22 8.70
N SER A 167 2.47 -17.37 8.18
CA SER A 167 2.74 -16.07 8.78
C SER A 167 2.98 -15.02 7.70
N LYS A 168 2.61 -13.80 8.02
CA LYS A 168 2.91 -12.63 7.21
C LYS A 168 3.43 -11.54 8.13
N PHE A 169 4.46 -10.85 7.67
CA PHE A 169 4.98 -9.68 8.35
C PHE A 169 4.57 -8.43 7.58
N THR A 170 3.84 -7.54 8.25
CA THR A 170 3.44 -6.26 7.71
C THR A 170 4.30 -5.18 8.33
N PRO A 171 5.03 -4.40 7.54
CA PRO A 171 5.91 -3.39 8.12
C PRO A 171 5.15 -2.16 8.59
N ILE A 172 5.68 -1.52 9.63
CA ILE A 172 5.18 -0.26 10.15
C ILE A 172 6.25 0.82 10.11
N GLY A 173 7.47 0.49 10.53
CA GLY A 173 8.54 1.45 10.54
C GLY A 173 9.80 0.80 11.02
N LEU A 174 10.55 1.49 11.89
CA LEU A 174 11.80 0.98 12.43
C LEU A 174 11.66 0.83 13.94
N ASN A 175 12.38 -0.14 14.50
CA ASN A 175 12.36 -0.28 15.96
CA ASN A 175 12.36 -0.28 15.96
C ASN A 175 13.04 0.90 16.60
N ASP A 176 14.16 1.32 16.03
CA ASP A 176 15.02 2.40 16.48
C ASP A 176 15.74 2.83 15.22
N ASP A 177 16.40 3.98 15.25
CA ASP A 177 17.23 4.32 14.09
C ASP A 177 18.70 4.45 14.47
N ASP A 178 19.11 3.76 15.54
CA ASP A 178 20.47 3.87 16.04
C ASP A 178 21.49 3.63 14.94
N ASN A 179 21.26 2.62 14.10
CA ASN A 179 22.19 2.24 13.05
C ASN A 179 21.46 2.04 11.73
N PHE A 180 20.38 2.79 11.52
CA PHE A 180 19.64 2.72 10.27
C PHE A 180 20.44 3.38 9.16
N LYS A 181 20.82 2.60 8.16
CA LYS A 181 21.66 3.05 7.04
C LYS A 181 20.91 2.73 5.76
N GLN A 182 20.17 3.71 5.24
CA GLN A 182 19.30 3.46 4.11
C GLN A 182 20.08 3.16 2.82
N TRP A 183 21.34 3.55 2.74
CA TRP A 183 22.14 3.34 1.54
C TRP A 183 23.13 2.19 1.68
N GLU A 184 23.06 1.43 2.76
CA GLU A 184 23.87 0.24 2.95
C GLU A 184 22.99 -0.97 2.79
N LEU A 185 23.28 -1.79 1.77
CA LEU A 185 22.49 -2.99 1.55
C LEU A 185 22.74 -4.01 2.66
N PRO A 186 21.73 -4.78 3.03
CA PRO A 186 21.95 -5.93 3.91
C PRO A 186 22.70 -7.00 3.14
N ASN A 187 23.20 -8.00 3.89
CA ASN A 187 23.74 -9.21 3.26
C ASN A 187 22.56 -10.15 3.06
N TYR A 188 22.07 -10.26 1.83
CA TYR A 188 20.92 -11.10 1.58
C TYR A 188 21.20 -12.58 1.81
N SER A 189 22.47 -13.00 1.75
CA SER A 189 22.89 -14.35 2.07
C SER A 189 23.75 -14.42 3.32
N GLY A 190 23.73 -13.40 4.15
CA GLY A 190 24.50 -13.49 5.38
C GLY A 190 26.00 -13.31 5.23
N ALA A 191 26.67 -13.68 6.32
CA ALA A 191 28.06 -13.31 6.51
C ALA A 191 28.93 -13.96 5.45
N LEU A 192 29.88 -13.18 4.99
CA LEU A 192 30.97 -13.56 4.08
C LEU A 192 30.52 -13.88 2.67
N THR A 193 29.26 -13.63 2.33
CA THR A 193 28.73 -13.93 0.99
C THR A 193 28.27 -12.64 0.35
N LEU A 194 28.67 -12.43 -0.91
CA LEU A 194 28.29 -11.21 -1.61
C LEU A 194 26.85 -11.28 -2.10
N ASN A 195 26.28 -10.10 -2.32
CA ASN A 195 24.96 -10.02 -2.93
C ASN A 195 25.04 -10.25 -4.44
N MET A 196 23.90 -10.64 -5.02
CA MET A 196 23.81 -10.96 -6.43
CA MET A 196 23.80 -11.00 -6.42
C MET A 196 22.52 -10.39 -6.99
N GLY A 197 22.43 -10.38 -8.32
CA GLY A 197 21.22 -9.97 -9.00
C GLY A 197 20.85 -8.52 -8.81
N LEU A 198 21.81 -7.65 -8.51
CA LEU A 198 21.52 -6.31 -8.04
C LEU A 198 21.19 -5.35 -9.19
N ALA A 199 20.24 -4.47 -8.92
CA ALA A 199 20.11 -3.26 -9.70
C ALA A 199 21.38 -2.43 -9.50
N PRO A 200 21.90 -1.79 -10.54
CA PRO A 200 23.17 -1.09 -10.41
C PRO A 200 23.05 0.17 -9.58
N SER A 201 24.20 0.63 -9.10
CA SER A 201 24.24 1.92 -8.45
CA SER A 201 24.25 1.92 -8.44
C SER A 201 24.00 3.01 -9.48
N VAL A 202 23.51 4.15 -9.00
CA VAL A 202 23.18 5.29 -9.86
C VAL A 202 23.89 6.53 -9.34
N PHE A 203 24.29 7.41 -10.25
CA PHE A 203 24.93 8.64 -9.83
C PHE A 203 24.86 9.65 -10.95
N PRO A 204 24.95 10.94 -10.64
CA PRO A 204 24.98 11.95 -11.71
C PRO A 204 26.34 11.91 -12.39
N THR A 205 26.31 11.93 -13.71
CA THR A 205 27.53 12.07 -14.49
C THR A 205 27.78 13.49 -14.95
N TYR A 206 26.77 14.29 -15.10
CA TYR A 206 26.96 15.62 -15.66
C TYR A 206 27.37 16.59 -14.56
N PRO A 207 28.39 17.41 -14.78
CA PRO A 207 28.81 18.34 -13.71
CA PRO A 207 28.81 18.34 -13.71
C PRO A 207 27.66 19.25 -13.27
N GLY A 208 27.56 19.44 -11.96
CA GLY A 208 26.54 20.32 -11.41
C GLY A 208 25.20 19.66 -11.14
N GLU A 209 25.07 18.36 -11.39
CA GLU A 209 23.81 17.68 -11.16
C GLU A 209 23.84 16.84 -9.89
N GLN A 210 22.64 16.69 -9.31
CA GLN A 210 22.38 15.84 -8.16
C GLN A 210 21.20 14.94 -8.49
N ILE A 211 21.09 13.82 -7.78
CA ILE A 211 19.90 12.98 -7.88
C ILE A 211 18.76 13.66 -7.15
N LEU A 212 17.55 13.57 -7.72
CA LEU A 212 16.32 14.00 -7.08
C LEU A 212 15.61 12.76 -6.55
N PHE A 213 15.25 12.79 -5.27
CA PHE A 213 14.64 11.68 -4.58
C PHE A 213 13.23 12.04 -4.15
N PHE A 214 12.44 10.99 -3.87
CA PHE A 214 11.12 11.10 -3.26
C PHE A 214 11.27 10.54 -1.85
N ARG A 215 11.06 11.40 -0.85
CA ARG A 215 11.38 11.11 0.54
C ARG A 215 10.13 10.89 1.37
N SER A 216 10.19 9.88 2.25
CA SER A 216 9.18 9.65 3.26
C SER A 216 9.79 9.49 4.64
N TYR A 217 9.13 10.03 5.65
CA TYR A 217 9.49 9.74 7.03
C TYR A 217 8.95 8.40 7.43
N LEU A 218 9.60 7.79 8.42
CA LEU A 218 9.25 6.49 8.94
C LEU A 218 8.88 6.54 10.42
N PRO A 219 7.82 5.84 10.83
CA PRO A 219 7.53 5.70 12.25
C PRO A 219 8.61 4.94 12.99
N LEU A 220 8.68 5.20 14.30
CA LEU A 220 9.58 4.50 15.21
C LEU A 220 8.79 3.83 16.34
N LYS A 221 9.26 2.64 16.70
CA LYS A 221 8.71 1.97 17.89
C LYS A 221 9.04 2.76 19.16
N GLY A 222 10.24 3.33 19.20
CA GLY A 222 10.67 4.12 20.34
C GLY A 222 11.93 4.90 20.00
N GLY A 223 12.41 5.62 21.00
CA GLY A 223 13.59 6.45 20.85
C GLY A 223 13.29 7.78 20.17
N TYR A 224 14.37 8.39 19.68
CA TYR A 224 14.36 9.78 19.24
C TYR A 224 14.74 9.86 17.77
N GLY A 225 14.14 10.79 17.06
CA GLY A 225 14.50 11.03 15.67
C GLY A 225 13.30 11.08 14.75
N SER A 226 13.61 11.46 13.51
CA SER A 226 12.66 11.51 12.40
C SER A 226 13.31 10.82 11.20
N PRO A 227 13.49 9.51 11.27
CA PRO A 227 14.18 8.81 10.17
C PRO A 227 13.38 8.90 8.88
N PHE A 228 14.10 8.81 7.77
CA PHE A 228 13.49 8.93 6.45
C PHE A 228 14.14 7.97 5.45
N ILE A 229 13.39 7.71 4.38
CA ILE A 229 13.86 6.83 3.31
C ILE A 229 13.56 7.49 1.97
N ASP A 230 14.55 7.44 1.09
CA ASP A 230 14.51 8.11 -0.21
C ASP A 230 14.42 7.09 -1.33
N CYS A 231 13.44 7.24 -2.21
CA CYS A 231 13.32 6.36 -3.35
C CYS A 231 13.58 7.12 -4.64
N LEU A 232 13.92 6.36 -5.69
CA LEU A 232 14.30 6.96 -6.97
C LEU A 232 13.08 7.41 -7.79
N VAL A 233 12.01 6.62 -7.77
CA VAL A 233 10.72 6.97 -8.37
C VAL A 233 9.62 6.41 -7.48
N PRO A 234 8.45 7.03 -7.50
CA PRO A 234 7.32 6.49 -6.73
C PRO A 234 6.91 5.11 -7.21
N GLN A 235 6.27 4.36 -6.33
CA GLN A 235 5.80 3.03 -6.71
C GLN A 235 4.82 3.09 -7.88
N GLU A 236 4.01 4.14 -7.94
CA GLU A 236 3.03 4.25 -9.03
C GLU A 236 3.72 4.50 -10.36
N TRP A 237 4.93 5.08 -10.36
CA TRP A 237 5.69 5.16 -11.59
C TRP A 237 6.19 3.78 -12.02
N VAL A 238 6.68 2.97 -11.06
CA VAL A 238 7.05 1.59 -11.38
C VAL A 238 5.91 0.90 -12.11
N ALA A 239 4.71 0.98 -11.54
CA ALA A 239 3.60 0.23 -12.12
C ALA A 239 3.19 0.80 -13.47
N HIS A 240 3.33 2.12 -13.65
CA HIS A 240 3.03 2.74 -14.94
C HIS A 240 4.01 2.30 -16.01
N PHE A 241 5.31 2.41 -15.75
CA PHE A 241 6.30 2.03 -16.77
C PHE A 241 6.21 0.54 -17.07
N TYR A 242 6.01 -0.27 -16.03
CA TYR A 242 5.88 -1.72 -16.21
C TYR A 242 4.76 -2.05 -17.18
N GLN A 243 3.61 -1.39 -17.03
CA GLN A 243 2.49 -1.66 -17.93
C GLN A 243 2.68 -1.03 -19.29
N GLU A 244 3.13 0.23 -19.34
CA GLU A 244 3.22 0.94 -20.62
C GLU A 244 4.31 0.36 -21.50
N SER A 245 5.49 0.08 -20.94
CA SER A 245 6.63 -0.39 -21.70
C SER A 245 6.84 0.41 -22.97
N ALA A 246 6.81 1.73 -22.85
CA ALA A 246 7.02 2.56 -24.02
C ALA A 246 8.50 2.54 -24.40
N PRO A 247 8.82 2.49 -25.69
CA PRO A 247 10.24 2.48 -26.07
C PRO A 247 10.94 3.77 -25.65
N ALA A 248 12.14 3.61 -25.09
CA ALA A 248 12.99 4.74 -24.72
C ALA A 248 13.74 5.17 -25.96
N GLN A 249 13.30 6.26 -26.58
CA GLN A 249 13.87 6.64 -27.87
CA GLN A 249 13.86 6.66 -27.87
C GLN A 249 15.29 7.16 -27.73
N THR A 250 15.64 7.72 -26.58
CA THR A 250 17.02 7.98 -26.18
C THR A 250 17.11 7.50 -24.73
N ASP A 251 18.27 7.66 -24.13
CA ASP A 251 18.47 7.20 -22.78
C ASP A 251 18.16 8.26 -21.73
N VAL A 252 17.70 9.44 -22.15
CA VAL A 252 17.35 10.50 -21.20
C VAL A 252 16.09 11.20 -21.65
N ALA A 253 15.07 11.21 -20.81
CA ALA A 253 13.85 11.95 -21.02
C ALA A 253 13.93 13.29 -20.28
N LEU A 254 13.70 14.38 -20.99
CA LEU A 254 13.57 15.69 -20.36
C LEU A 254 12.17 15.79 -19.80
N ILE A 255 12.06 16.07 -18.50
CA ILE A 255 10.78 16.14 -17.81
C ILE A 255 10.70 17.50 -17.13
N ARG A 256 9.48 18.02 -17.05
CA ARG A 256 9.24 19.30 -16.41
C ARG A 256 8.22 19.12 -15.29
N TYR A 257 8.47 19.76 -14.15
CA TYR A 257 7.51 19.75 -13.05
C TYR A 257 6.55 20.90 -13.30
N VAL A 258 5.25 20.60 -13.33
CA VAL A 258 4.25 21.57 -13.72
C VAL A 258 3.20 21.72 -12.65
N ASN A 259 2.66 22.94 -12.56
CA ASN A 259 1.48 23.24 -11.77
C ASN A 259 0.28 23.20 -12.70
N PRO A 260 -0.61 22.20 -12.59
CA PRO A 260 -1.71 22.12 -13.55
C PRO A 260 -2.76 23.21 -13.38
N GLU A 261 -2.86 23.83 -12.20
CA GLU A 261 -3.83 24.89 -11.99
C GLU A 261 -3.42 26.17 -12.71
N THR A 262 -2.17 26.57 -12.57
CA THR A 262 -1.68 27.75 -13.25
C THR A 262 -1.20 27.47 -14.66
N GLY A 263 -0.90 26.20 -14.96
CA GLY A 263 -0.33 25.81 -16.24
C GLY A 263 1.15 26.07 -16.38
N ARG A 264 1.81 26.54 -15.34
CA ARG A 264 3.19 26.95 -15.47
C ARG A 264 4.17 25.84 -15.09
N VAL A 265 5.30 25.84 -15.80
CA VAL A 265 6.42 24.96 -15.52
CA VAL A 265 6.37 24.92 -15.47
C VAL A 265 7.23 25.53 -14.38
N LEU A 266 7.62 24.70 -13.42
CA LEU A 266 8.37 25.14 -12.24
C LEU A 266 9.86 24.89 -12.36
N PHE A 267 10.26 23.70 -12.82
CA PHE A 267 11.67 23.38 -13.01
C PHE A 267 11.72 22.19 -13.95
N GLU A 268 12.93 21.85 -14.40
CA GLU A 268 13.12 20.72 -15.30
C GLU A 268 14.19 19.79 -14.75
N ALA A 269 14.18 18.56 -15.27
CA ALA A 269 15.00 17.48 -14.76
C ALA A 269 15.22 16.47 -15.88
N LYS A 270 16.20 15.59 -15.66
CA LYS A 270 16.46 14.47 -16.56
C LYS A 270 16.00 13.18 -15.91
N LEU A 271 15.13 12.45 -16.59
CA LEU A 271 14.76 11.11 -16.18
C LEU A 271 15.57 10.13 -17.02
N HIS A 272 16.55 9.50 -16.37
CA HIS A 272 17.43 8.56 -17.03
C HIS A 272 16.72 7.25 -17.26
N ARG A 273 17.02 6.61 -18.39
CA ARG A 273 16.37 5.35 -18.77
C ARG A 273 16.48 4.31 -17.67
N GLN A 274 17.61 4.30 -16.95
CA GLN A 274 17.81 3.34 -15.87
C GLN A 274 16.79 3.49 -14.75
N GLY A 275 16.13 4.64 -14.64
CA GLY A 275 15.06 4.83 -13.68
C GLY A 275 15.36 5.74 -12.52
N PHE A 276 16.04 6.86 -12.78
CA PHE A 276 16.29 7.83 -11.73
C PHE A 276 16.37 9.21 -12.36
N ILE A 277 16.23 10.23 -11.51
CA ILE A 277 16.12 11.62 -11.94
C ILE A 277 17.34 12.40 -11.45
N THR A 278 17.87 13.26 -12.32
CA THR A 278 18.84 14.26 -11.90
C THR A 278 18.35 15.67 -12.20
N VAL A 279 18.85 16.60 -11.39
CA VAL A 279 18.53 18.02 -11.46
C VAL A 279 19.83 18.81 -11.36
N ALA A 280 19.81 20.01 -11.91
CA ALA A 280 20.93 20.96 -11.79
C ALA A 280 20.74 21.76 -10.50
N LYS A 281 21.34 21.29 -9.43
CA LYS A 281 21.31 21.97 -8.14
C LYS A 281 22.55 21.56 -7.36
N SER A 282 23.08 22.47 -6.57
CA SER A 282 24.20 22.20 -5.69
CA SER A 282 24.20 22.21 -5.68
C SER A 282 23.75 22.46 -4.25
N GLY A 283 23.70 21.43 -3.44
CA GLY A 283 23.36 21.55 -2.04
C GLY A 283 21.97 21.00 -1.72
N ASP A 284 21.63 21.17 -0.45
CA ASP A 284 20.39 20.69 0.14
C ASP A 284 19.72 21.91 0.75
N SER A 285 18.63 22.35 0.14
CA SER A 285 17.84 23.47 0.66
C SER A 285 16.39 23.24 0.28
N PRO A 286 15.46 23.95 0.92
CA PRO A 286 14.03 23.72 0.65
C PRO A 286 13.70 23.77 -0.84
N ILE A 287 12.90 22.80 -1.27
CA ILE A 287 12.40 22.70 -2.64
C ILE A 287 10.98 23.27 -2.64
N ASN A 288 10.84 24.48 -3.16
CA ASN A 288 9.59 25.23 -3.04
C ASN A 288 8.72 24.97 -4.26
N VAL A 289 7.88 23.95 -4.14
CA VAL A 289 6.96 23.55 -5.21
C VAL A 289 5.56 23.40 -4.63
N PRO A 290 4.52 23.51 -5.47
CA PRO A 290 3.15 23.36 -4.99
C PRO A 290 2.77 21.89 -4.79
N ALA A 291 1.84 21.69 -3.85
CA ALA A 291 1.35 20.34 -3.60
C ALA A 291 0.69 19.70 -4.81
N ASN A 292 0.16 20.48 -5.76
CA ASN A 292 -0.53 19.92 -6.91
C ASN A 292 0.42 19.58 -8.06
N GLY A 293 1.73 19.71 -7.87
CA GLY A 293 2.65 19.59 -8.99
C GLY A 293 2.92 18.15 -9.38
N TYR A 294 3.29 17.97 -10.65
CA TYR A 294 3.69 16.65 -11.12
C TYR A 294 4.61 16.80 -12.33
N PHE A 295 5.36 15.74 -12.59
CA PHE A 295 6.28 15.72 -13.72
C PHE A 295 5.55 15.31 -14.99
N ARG A 296 5.92 15.98 -16.08
CA ARG A 296 5.41 15.73 -17.43
C ARG A 296 6.58 15.50 -18.37
N PHE A 297 6.49 14.43 -19.18
CA PHE A 297 7.49 14.18 -20.21
C PHE A 297 7.40 15.25 -21.29
N ASP A 298 8.53 15.86 -21.62
CA ASP A 298 8.63 16.89 -22.65
CA ASP A 298 8.53 16.83 -22.69
C ASP A 298 9.27 16.40 -23.95
N SER A 299 10.46 15.80 -23.86
CA SER A 299 11.17 15.44 -25.08
C SER A 299 12.33 14.51 -24.75
N TRP A 300 12.83 13.83 -25.78
CA TRP A 300 13.99 12.96 -25.65
C TRP A 300 15.27 13.76 -25.86
N VAL A 301 16.18 13.67 -24.89
CA VAL A 301 17.46 14.37 -24.96
C VAL A 301 18.58 13.36 -24.71
N ASN A 302 19.76 13.81 -24.31
CA ASN A 302 20.83 12.87 -23.97
C ASN A 302 21.50 13.32 -22.67
N GLN A 303 22.51 12.57 -22.25
CA GLN A 303 23.15 12.81 -20.97
C GLN A 303 23.87 14.15 -20.91
N PHE A 304 24.12 14.78 -22.06
CA PHE A 304 24.85 16.03 -22.10
C PHE A 304 23.94 17.25 -22.15
N TYR A 305 22.63 17.07 -22.00
CA TYR A 305 21.72 18.20 -22.00
C TYR A 305 21.98 19.04 -20.77
N SER A 306 22.07 20.35 -20.96
CA SER A 306 22.33 21.29 -19.88
CA SER A 306 22.33 21.29 -19.88
C SER A 306 21.00 21.79 -19.31
N LEU A 307 20.65 21.34 -18.11
CA LEU A 307 19.41 21.74 -17.49
C LEU A 307 19.49 23.17 -16.98
N ALA A 308 18.35 23.86 -16.98
CA ALA A 308 18.25 25.11 -16.25
C ALA A 308 18.41 24.87 -14.75
N PRO A 309 19.08 25.79 -14.04
CA PRO A 309 19.25 25.63 -12.60
CA PRO A 309 19.25 25.63 -12.60
C PRO A 309 17.91 25.56 -11.88
N MET A 310 17.76 24.55 -11.06
CA MET A 310 16.57 24.39 -10.25
C MET A 310 16.67 25.33 -9.05
N LYS B 2 -5.69 6.90 -25.27
CA LYS B 2 -6.73 7.70 -25.91
C LYS B 2 -8.12 7.08 -25.68
N PRO B 3 -8.36 5.86 -26.22
CA PRO B 3 -9.63 5.17 -25.94
C PRO B 3 -9.73 4.77 -24.49
N PHE B 4 -10.71 3.92 -24.18
CA PHE B 4 -10.86 3.47 -22.82
C PHE B 4 -9.94 2.29 -22.54
N THR B 5 -9.22 2.39 -21.43
CA THR B 5 -8.35 1.31 -21.00
C THR B 5 -8.58 0.96 -19.53
N ILE B 6 -8.30 -0.30 -19.24
CA ILE B 6 -8.24 -0.88 -17.91
C ILE B 6 -6.79 -1.30 -17.67
N PRO B 7 -6.27 -1.19 -16.45
CA PRO B 7 -4.90 -1.68 -16.20
C PRO B 7 -4.73 -3.13 -16.61
N ILE B 8 -3.51 -3.47 -17.03
CA ILE B 8 -3.19 -4.85 -17.37
C ILE B 8 -2.59 -5.61 -16.20
N LEU B 9 -2.56 -5.01 -15.03
CA LEU B 9 -2.04 -5.69 -13.86
C LEU B 9 -2.87 -6.91 -13.49
N THR B 10 -2.19 -7.97 -13.06
CA THR B 10 -2.86 -9.15 -12.56
C THR B 10 -3.39 -8.90 -11.15
N ILE B 11 -4.22 -9.86 -10.69
CA ILE B 11 -4.70 -9.85 -9.31
C ILE B 11 -3.53 -9.76 -8.34
N GLY B 12 -2.45 -10.52 -8.62
CA GLY B 12 -1.25 -10.54 -7.82
C GLY B 12 -0.36 -9.31 -7.99
N GLU B 13 -0.84 -8.32 -8.74
CA GLU B 13 -0.15 -7.06 -8.88
C GLU B 13 -1.01 -5.89 -8.40
N MET B 14 -2.13 -6.18 -7.71
CA MET B 14 -3.07 -5.15 -7.32
C MET B 14 -3.51 -5.27 -5.87
N THR B 15 -4.08 -4.18 -5.37
CA THR B 15 -4.48 -4.11 -3.97
CA THR B 15 -4.45 -3.98 -3.98
C THR B 15 -5.97 -3.85 -3.83
N ASN B 16 -6.50 -4.35 -2.73
CA ASN B 16 -7.89 -4.12 -2.40
C ASN B 16 -8.11 -2.64 -2.13
N SER B 17 -9.20 -2.08 -2.65
CA SER B 17 -9.50 -0.66 -2.46
C SER B 17 -10.24 -0.38 -1.16
N ARG B 18 -10.57 -1.41 -0.38
CA ARG B 18 -11.22 -1.23 0.92
C ARG B 18 -10.33 -1.61 2.09
N PHE B 19 -9.13 -2.15 1.85
CA PHE B 19 -8.20 -2.47 2.93
C PHE B 19 -6.85 -2.66 2.29
N PRO B 20 -5.75 -2.17 2.90
CA PRO B 20 -4.44 -2.14 2.18
C PRO B 20 -3.70 -3.47 2.17
N VAL B 21 -4.24 -4.42 1.39
CA VAL B 21 -3.64 -5.74 1.22
C VAL B 21 -3.79 -6.15 -0.24
N PRO B 22 -2.98 -7.11 -0.69
CA PRO B 22 -3.16 -7.64 -2.04
C PRO B 22 -4.55 -8.26 -2.21
N ILE B 23 -5.02 -8.26 -3.46
CA ILE B 23 -6.23 -9.00 -3.79
C ILE B 23 -5.91 -10.50 -3.83
N ASP B 24 -6.76 -11.32 -3.23
CA ASP B 24 -6.57 -12.76 -3.21
C ASP B 24 -7.30 -13.49 -4.35
N MET B 25 -8.50 -13.07 -4.71
CA MET B 25 -9.30 -13.81 -5.67
C MET B 25 -10.47 -12.97 -6.14
N LEU B 26 -11.03 -13.34 -7.29
CA LEU B 26 -12.34 -12.87 -7.70
C LEU B 26 -13.41 -13.61 -6.93
N HIS B 27 -14.56 -12.97 -6.75
CA HIS B 27 -15.68 -13.56 -6.03
C HIS B 27 -16.99 -13.06 -6.63
N THR B 28 -17.96 -13.95 -6.81
CA THR B 28 -19.32 -13.51 -7.10
C THR B 28 -20.32 -14.38 -6.35
N SER B 29 -21.39 -13.76 -5.87
CA SER B 29 -22.44 -14.49 -5.16
C SER B 29 -23.70 -13.63 -5.20
N PRO B 30 -24.85 -14.22 -4.85
CA PRO B 30 -26.09 -13.43 -4.81
C PRO B 30 -26.04 -12.36 -3.72
N THR B 31 -26.58 -11.17 -4.04
CA THR B 31 -26.60 -10.08 -3.08
C THR B 31 -27.97 -9.41 -2.98
N GLU B 32 -29.03 -10.10 -3.41
CA GLU B 32 -30.36 -9.50 -3.40
C GLU B 32 -30.79 -9.08 -1.99
N ASN B 33 -30.28 -9.76 -0.96
CA ASN B 33 -30.69 -9.50 0.42
C ASN B 33 -29.68 -8.68 1.22
N ILE B 34 -28.68 -8.12 0.58
CA ILE B 34 -27.76 -7.21 1.26
C ILE B 34 -27.76 -5.91 0.46
N VAL B 35 -27.36 -4.84 1.12
CA VAL B 35 -27.19 -3.55 0.44
C VAL B 35 -25.70 -3.35 0.26
N VAL B 36 -25.26 -3.31 -0.99
CA VAL B 36 -23.85 -3.17 -1.32
C VAL B 36 -23.58 -1.68 -1.51
N GLN B 37 -23.04 -1.04 -0.47
CA GLN B 37 -22.82 0.40 -0.51
C GLN B 37 -21.48 0.77 0.11
N PRO B 38 -20.38 0.13 -0.32
CA PRO B 38 -19.07 0.52 0.22
C PRO B 38 -18.75 1.96 -0.15
N GLN B 39 -17.88 2.57 0.64
CA GLN B 39 -17.51 3.97 0.45
C GLN B 39 -16.05 4.15 0.04
N ASN B 40 -15.19 3.18 0.32
CA ASN B 40 -13.86 3.13 -0.26
C ASN B 40 -13.90 2.30 -1.53
N GLY B 41 -12.97 2.57 -2.45
CA GLY B 41 -12.96 1.89 -3.73
C GLY B 41 -14.12 2.27 -4.62
N ARG B 42 -14.53 3.54 -4.57
CA ARG B 42 -15.64 4.06 -5.37
C ARG B 42 -15.10 5.14 -6.31
N CYS B 43 -15.08 4.81 -7.59
CA CYS B 43 -14.66 5.74 -8.62
C CYS B 43 -15.42 5.42 -9.89
N THR B 44 -16.04 6.43 -10.50
CA THR B 44 -16.66 6.19 -11.78
C THR B 44 -15.60 5.90 -12.85
N ILE B 45 -16.01 5.23 -13.93
CA ILE B 45 -15.02 4.83 -14.93
C ILE B 45 -14.45 6.03 -15.66
N ASP B 46 -15.14 7.17 -15.64
CA ASP B 46 -14.65 8.43 -16.18
C ASP B 46 -13.94 9.29 -15.16
N GLY B 47 -13.66 8.75 -13.96
CA GLY B 47 -12.67 9.33 -13.08
C GLY B 47 -13.15 10.13 -11.89
N GLU B 48 -14.43 10.05 -11.53
CA GLU B 48 -14.94 10.78 -10.38
C GLU B 48 -14.85 9.93 -9.12
N LEU B 49 -14.08 10.41 -8.14
CA LEU B 49 -14.00 9.74 -6.85
C LEU B 49 -15.28 9.96 -6.07
N LEU B 50 -15.76 8.91 -5.39
CA LEU B 50 -16.99 8.98 -4.62
C LEU B 50 -16.75 8.52 -3.18
N GLY B 51 -17.72 8.82 -2.32
CA GLY B 51 -17.64 8.34 -0.94
C GLY B 51 -16.45 8.89 -0.21
N THR B 52 -15.74 8.01 0.49
CA THR B 52 -14.50 8.35 1.18
C THR B 52 -13.26 7.96 0.37
N THR B 53 -13.41 7.74 -0.93
CA THR B 53 -12.31 7.21 -1.73
C THR B 53 -11.20 8.24 -1.99
N GLN B 54 -9.98 7.84 -1.70
CA GLN B 54 -8.77 8.61 -2.02
C GLN B 54 -7.81 7.69 -2.79
N LEU B 55 -6.62 8.21 -3.12
CA LEU B 55 -5.79 7.58 -4.14
C LEU B 55 -4.73 6.61 -3.61
N ILE B 56 -4.31 6.74 -2.36
CA ILE B 56 -3.14 6.01 -1.84
C ILE B 56 -3.59 4.74 -1.14
N THR B 57 -3.08 3.59 -1.59
CA THR B 57 -3.41 2.33 -0.93
CA THR B 57 -3.46 2.35 -0.91
C THR B 57 -3.17 2.41 0.56
N SER B 58 -1.99 2.90 0.95
CA SER B 58 -1.57 2.86 2.34
CA SER B 58 -1.58 2.85 2.34
C SER B 58 -2.39 3.78 3.23
N ASN B 59 -3.22 4.66 2.67
CA ASN B 59 -4.09 5.49 3.49
C ASN B 59 -5.49 4.89 3.69
N ILE B 60 -5.79 3.75 3.07
CA ILE B 60 -7.08 3.12 3.27
C ILE B 60 -7.15 2.54 4.68
N CYS B 61 -8.18 2.91 5.43
CA CYS B 61 -8.35 2.49 6.82
C CYS B 61 -7.25 3.03 7.74
N SER B 62 -6.59 4.10 7.32
CA SER B 62 -5.63 4.81 8.14
CA SER B 62 -5.64 4.81 8.15
C SER B 62 -6.27 6.10 8.67
N PHE B 63 -5.78 6.55 9.82
CA PHE B 63 -6.15 7.84 10.38
C PHE B 63 -4.88 8.56 10.80
N ARG B 64 -4.90 9.89 10.74
CA ARG B 64 -3.83 10.68 11.35
CA ARG B 64 -3.83 10.71 11.29
C ARG B 64 -4.45 11.89 12.04
N GLY B 65 -3.70 12.42 12.99
CA GLY B 65 -4.15 13.53 13.80
C GLY B 65 -3.36 13.57 15.08
N SER B 66 -4.05 13.63 16.22
CA SER B 66 -3.38 13.70 17.51
CA SER B 66 -3.39 13.74 17.52
C SER B 66 -4.29 13.14 18.59
N ILE B 67 -3.67 12.57 19.61
CA ILE B 67 -4.40 12.14 20.80
C ILE B 67 -4.60 13.35 21.69
N SER B 68 -5.79 13.46 22.31
N SER B 68 -5.82 13.49 22.21
CA SER B 68 -6.04 14.61 23.19
CA SER B 68 -6.12 14.54 23.17
C SER B 68 -6.61 14.28 24.56
C SER B 68 -7.18 13.98 24.12
N GLY B 69 -6.76 13.02 24.91
CA GLY B 69 -7.44 12.66 26.14
C GLY B 69 -7.43 11.17 26.36
N HIS B 70 -7.72 10.78 27.59
CA HIS B 70 -7.63 9.40 28.07
C HIS B 70 -8.85 9.08 28.91
N GLU B 71 -9.27 7.82 28.84
CA GLU B 71 -10.29 7.26 29.71
C GLU B 71 -9.86 5.87 30.14
N GLY B 72 -9.92 5.62 31.45
CA GLY B 72 -9.67 4.28 31.94
C GLY B 72 -10.90 3.39 31.80
N ASN B 73 -10.65 2.10 31.67
CA ASN B 73 -11.71 1.11 31.47
C ASN B 73 -11.21 -0.16 32.15
N ASP B 74 -11.46 -0.25 33.46
CA ASP B 74 -10.87 -1.29 34.31
C ASP B 74 -9.36 -1.11 34.24
N ASP B 75 -8.58 -2.12 33.86
CA ASP B 75 -7.14 -2.00 33.71
C ASP B 75 -6.74 -1.63 32.29
N GLN B 76 -7.70 -1.20 31.46
CA GLN B 76 -7.50 -0.95 30.05
C GLN B 76 -7.53 0.55 29.77
N HIS B 77 -7.06 0.93 28.58
CA HIS B 77 -6.87 2.34 28.25
C HIS B 77 -7.52 2.67 26.92
N LEU B 78 -8.28 3.77 26.94
CA LEU B 78 -8.97 4.31 25.77
C LEU B 78 -8.50 5.76 25.59
N TRP B 79 -8.38 6.16 24.34
CA TRP B 79 -7.80 7.46 24.02
C TRP B 79 -8.63 8.18 22.98
N HIS B 80 -8.76 9.48 23.14
CA HIS B 80 -9.49 10.34 22.21
C HIS B 80 -8.54 10.75 21.10
N PHE B 81 -8.88 10.37 19.86
CA PHE B 81 -8.03 10.54 18.70
C PHE B 81 -8.69 11.54 17.76
N ASN B 82 -8.23 12.79 17.82
CA ASN B 82 -8.67 13.81 16.86
C ASN B 82 -8.03 13.51 15.51
N ILE B 83 -8.84 13.46 14.47
CA ILE B 83 -8.36 13.09 13.15
C ILE B 83 -8.45 14.26 12.18
N THR B 84 -7.55 14.29 11.22
CA THR B 84 -7.44 15.33 10.21
C THR B 84 -7.53 14.73 8.81
N ASN B 85 -7.59 15.57 7.80
N ASN B 85 -7.30 15.62 7.83
CA ASN B 85 -7.48 15.04 6.45
CA ASN B 85 -6.87 15.28 6.48
C ASN B 85 -6.19 14.24 6.34
C ASN B 85 -5.35 15.09 6.42
N PRO B 86 -6.11 13.33 5.38
N PRO B 86 -4.84 14.49 5.32
CA PRO B 86 -4.84 12.62 5.15
CA PRO B 86 -3.41 14.18 5.23
C PRO B 86 -3.65 13.51 4.90
C PRO B 86 -2.44 15.35 5.47
N ASN B 87 -3.84 14.73 4.37
N ASN B 87 -2.70 16.52 4.90
CA ASN B 87 -2.72 15.64 4.14
CA ASN B 87 -1.77 17.63 5.00
C ASN B 87 -2.42 16.50 5.36
C ASN B 87 -1.82 18.35 6.35
N GLY B 88 -3.12 16.30 6.48
N GLY B 88 -2.63 17.88 7.29
CA GLY B 88 -2.80 16.95 7.73
CA GLY B 88 -2.70 18.50 8.61
C GLY B 88 -3.61 18.19 8.04
C GLY B 88 -4.04 19.15 8.86
N THR B 89 -4.41 18.71 7.10
CA THR B 89 -5.22 19.90 7.35
C THR B 89 -6.51 19.49 8.10
N PRO B 90 -7.15 20.44 8.79
CA PRO B 90 -8.38 20.10 9.53
C PRO B 90 -9.52 19.65 8.63
N PHE B 91 -10.20 18.58 9.02
CA PHE B 91 -11.34 18.10 8.23
C PHE B 91 -12.52 19.05 8.39
N ASP B 92 -13.17 19.40 7.26
CA ASP B 92 -14.35 20.25 7.25
C ASP B 92 -15.59 19.39 7.09
N PRO B 93 -16.40 19.23 8.14
CA PRO B 93 -17.56 18.35 8.02
C PRO B 93 -18.65 18.87 7.09
N THR B 94 -18.61 20.14 6.68
CA THR B 94 -19.62 20.64 5.74
C THR B 94 -19.34 20.18 4.31
N GLU B 95 -18.19 19.57 4.06
CA GLU B 95 -17.95 19.00 2.74
C GLU B 95 -18.87 17.81 2.51
N ASP B 96 -19.22 17.61 1.23
CA ASP B 96 -20.18 16.58 0.83
C ASP B 96 -19.50 15.21 0.72
N VAL B 97 -18.88 14.81 1.83
CA VAL B 97 -18.21 13.52 1.94
C VAL B 97 -18.66 12.89 3.27
N PRO B 98 -18.58 11.57 3.38
CA PRO B 98 -19.11 10.94 4.60
C PRO B 98 -18.26 11.14 5.83
N ALA B 99 -16.96 11.34 5.64
CA ALA B 99 -15.95 11.30 6.68
C ALA B 99 -14.62 11.61 6.02
N PRO B 100 -13.55 11.81 6.78
CA PRO B 100 -12.24 11.97 6.15
C PRO B 100 -11.93 10.81 5.19
N LEU B 101 -11.27 11.14 4.10
CA LEU B 101 -11.04 10.12 3.07
C LEU B 101 -10.22 8.98 3.64
N GLY B 102 -10.57 7.75 3.24
CA GLY B 102 -9.93 6.56 3.75
C GLY B 102 -10.51 5.99 5.03
N THR B 103 -11.41 6.70 5.70
CA THR B 103 -12.07 6.17 6.90
C THR B 103 -12.66 4.80 6.57
N PRO B 104 -12.57 3.81 7.48
CA PRO B 104 -13.21 2.52 7.23
CA PRO B 104 -13.21 2.52 7.20
C PRO B 104 -14.70 2.67 6.89
N ASP B 105 -15.19 1.76 6.03
CA ASP B 105 -16.56 1.76 5.55
C ASP B 105 -17.34 0.53 6.01
N PHE B 106 -17.00 0.00 7.19
CA PHE B 106 -17.63 -1.21 7.69
C PHE B 106 -17.74 -1.10 9.21
N ARG B 107 -18.64 -1.89 9.78
CA ARG B 107 -18.74 -2.09 11.21
C ARG B 107 -17.77 -3.20 11.61
N GLY B 108 -16.88 -2.92 12.55
CA GLY B 108 -15.93 -3.92 12.97
C GLY B 108 -14.97 -3.34 13.99
N GLN B 109 -14.05 -4.18 14.40
CA GLN B 109 -13.01 -3.83 15.36
C GLN B 109 -11.69 -3.76 14.60
N LEU B 110 -11.29 -2.56 14.21
CA LEU B 110 -10.14 -2.36 13.35
C LEU B 110 -8.86 -2.43 14.18
N TYR B 111 -7.99 -3.39 13.87
CA TYR B 111 -6.76 -3.64 14.61
C TYR B 111 -5.57 -3.10 13.83
N GLY B 112 -4.67 -2.42 14.53
CA GLY B 112 -3.48 -1.90 13.89
C GLY B 112 -2.51 -1.35 14.89
N VAL B 113 -1.68 -0.41 14.45
CA VAL B 113 -0.63 0.18 15.26
C VAL B 113 -0.76 1.69 15.23
N ILE B 114 -0.77 2.32 16.41
CA ILE B 114 -0.68 3.76 16.53
C ILE B 114 0.78 4.13 16.77
N SER B 115 1.28 5.03 15.95
CA SER B 115 2.62 5.58 16.10
CA SER B 115 2.62 5.58 16.08
C SER B 115 2.53 7.07 16.38
N GLN B 116 3.40 7.53 17.26
CA GLN B 116 3.46 8.93 17.65
C GLN B 116 4.86 9.47 17.44
N ARG B 117 4.93 10.74 17.08
CA ARG B 117 6.16 11.52 17.04
C ARG B 117 5.83 12.86 17.65
N ASP B 118 6.53 13.23 18.71
CA ASP B 118 6.13 14.38 19.51
C ASP B 118 6.36 15.69 18.77
N ARG B 119 5.58 16.71 19.16
CA ARG B 119 5.57 17.96 18.41
C ARG B 119 6.85 18.75 18.58
N GLU B 120 7.46 18.68 19.75
CA GLU B 120 8.64 19.45 20.05
C GLU B 120 9.80 18.51 20.34
N GLY B 121 10.98 18.92 19.96
CA GLY B 121 12.17 18.14 20.23
C GLY B 121 12.57 18.13 21.70
N THR B 122 13.48 17.21 22.00
CA THR B 122 14.01 17.01 23.34
C THR B 122 15.45 17.50 23.40
N PRO B 123 15.74 18.55 24.18
CA PRO B 123 17.10 19.12 24.20
C PRO B 123 18.19 18.10 24.51
N SER B 124 17.91 17.16 25.41
CA SER B 124 18.94 16.18 25.78
C SER B 124 19.22 15.16 24.69
N GLU B 125 18.43 15.15 23.63
CA GLU B 125 18.59 14.27 22.48
C GLU B 125 18.83 15.11 21.22
N ASN B 126 19.61 16.19 21.38
CA ASN B 126 19.95 17.08 20.28
C ASN B 126 18.72 17.62 19.57
N ASN B 127 17.67 17.91 20.35
CA ASN B 127 16.43 18.49 19.86
C ASN B 127 15.67 17.56 18.93
N GLN B 128 15.96 16.26 18.98
CA GLN B 128 15.19 15.29 18.24
C GLN B 128 13.88 14.98 18.96
N LYS B 129 12.89 14.57 18.17
CA LYS B 129 11.57 14.27 18.70
C LYS B 129 11.48 12.85 19.24
N ALA B 130 10.80 12.69 20.38
CA ALA B 130 10.53 11.38 20.94
C ALA B 130 9.43 10.67 20.14
N ASN B 131 9.47 9.33 20.17
CA ASN B 131 8.56 8.49 19.40
C ASN B 131 8.08 7.32 20.25
N ARG B 132 6.90 6.80 19.91
CA ARG B 132 6.47 5.51 20.44
C ARG B 132 5.41 4.93 19.51
N SER B 133 5.36 3.61 19.42
CA SER B 133 4.29 2.93 18.70
C SER B 133 3.80 1.74 19.53
N HIS B 134 2.50 1.47 19.45
CA HIS B 134 1.85 0.36 20.15
C HIS B 134 0.65 -0.12 19.35
N GLN B 135 0.23 -1.36 19.63
CA GLN B 135 -0.99 -1.85 19.01
C GLN B 135 -2.21 -1.14 19.56
N GLY B 136 -3.23 -1.04 18.71
CA GLY B 136 -4.50 -0.50 19.15
C GLY B 136 -5.64 -1.05 18.33
N VAL B 137 -6.86 -0.84 18.86
CA VAL B 137 -8.08 -1.18 18.17
C VAL B 137 -8.97 0.06 18.11
N ILE B 138 -9.50 0.32 16.93
CA ILE B 138 -10.49 1.37 16.73
C ILE B 138 -11.82 0.68 16.42
N SER B 139 -12.75 0.75 17.38
CA SER B 139 -14.09 0.23 17.15
C SER B 139 -14.87 1.16 16.25
N THR B 140 -15.34 0.68 15.12
CA THR B 140 -16.14 1.53 14.25
C THR B 140 -17.62 1.51 14.64
N ILE B 141 -17.96 0.78 15.69
CA ILE B 141 -19.33 0.74 16.20
C ILE B 141 -19.52 1.54 17.48
N SER B 142 -18.44 2.00 18.09
CA SER B 142 -18.54 2.74 19.33
C SER B 142 -19.32 4.04 19.12
N PRO B 143 -20.07 4.48 20.13
CA PRO B 143 -20.64 5.84 20.05
C PRO B 143 -19.58 6.92 19.90
N LYS B 144 -18.34 6.62 20.23
CA LYS B 144 -17.22 7.55 20.12
C LYS B 144 -16.57 7.51 18.76
N PHE B 145 -17.03 6.63 17.86
CA PHE B 145 -16.55 6.63 16.48
C PHE B 145 -17.35 7.68 15.72
N VAL B 146 -16.80 8.89 15.67
CA VAL B 146 -17.47 10.02 15.03
C VAL B 146 -16.51 10.71 14.07
N PRO B 147 -15.98 9.98 13.09
CA PRO B 147 -14.97 10.60 12.20
C PRO B 147 -15.48 11.81 11.45
N LYS B 148 -16.76 11.84 11.08
CA LYS B 148 -17.32 13.03 10.42
CA LYS B 148 -17.31 13.02 10.41
C LYS B 148 -17.26 14.24 11.32
N LEU B 149 -17.27 14.04 12.62
CA LEU B 149 -17.17 15.09 13.61
C LEU B 149 -15.74 15.29 14.08
N GLY B 150 -14.78 14.64 13.46
CA GLY B 150 -13.39 14.91 13.73
C GLY B 150 -12.68 14.02 14.75
N SER B 151 -13.28 12.93 15.21
CA SER B 151 -12.56 12.10 16.17
C SER B 151 -13.06 10.67 16.19
N VAL B 152 -12.20 9.79 16.68
CA VAL B 152 -12.51 8.40 16.96
C VAL B 152 -11.86 8.06 18.30
N MET B 153 -12.20 6.89 18.84
CA MET B 153 -11.57 6.38 20.04
CA MET B 153 -11.58 6.36 20.05
C MET B 153 -10.71 5.17 19.70
N ILE B 154 -9.52 5.11 20.30
CA ILE B 154 -8.60 3.99 20.12
C ILE B 154 -8.30 3.36 21.48
N GLY B 155 -8.37 2.05 21.55
CA GLY B 155 -8.02 1.31 22.76
C GLY B 155 -6.67 0.63 22.61
N THR B 156 -5.89 0.60 23.67
CA THR B 156 -4.54 0.02 23.64
C THR B 156 -4.37 -1.07 24.70
N TRP B 157 -5.45 -1.70 25.12
CA TRP B 157 -5.41 -2.75 26.14
C TRP B 157 -4.72 -2.21 27.38
N THR B 158 -3.73 -2.90 27.94
CA THR B 158 -3.09 -2.47 29.18
C THR B 158 -1.93 -1.51 28.97
N THR B 159 -1.64 -1.13 27.74
CA THR B 159 -0.53 -0.22 27.45
C THR B 159 -0.96 1.21 27.71
N ASP B 160 -0.26 1.89 28.61
CA ASP B 160 -0.58 3.27 28.96
C ASP B 160 0.43 4.27 28.41
N ASP B 161 1.36 3.81 27.57
CA ASP B 161 2.46 4.65 27.04
C ASP B 161 2.00 5.36 25.76
N ILE B 162 1.03 6.26 25.93
CA ILE B 162 0.49 7.09 24.87
C ILE B 162 0.46 8.52 25.39
N LYS B 163 0.90 9.47 24.58
CA LYS B 163 0.88 10.88 24.94
C LYS B 163 -0.14 11.64 24.09
N ASN B 164 -0.47 12.87 24.51
CA ASN B 164 -1.38 13.71 23.73
C ASN B 164 -0.58 14.42 22.63
N GLN B 165 -0.22 13.65 21.61
CA GLN B 165 0.78 14.01 20.62
C GLN B 165 0.34 13.59 19.22
N PRO B 166 0.99 14.12 18.18
CA PRO B 166 0.68 13.70 16.80
C PRO B 166 0.81 12.21 16.63
N SER B 167 -0.16 11.63 15.93
CA SER B 167 -0.33 10.20 15.86
C SER B 167 -0.85 9.79 14.49
N LYS B 168 -0.45 8.58 14.10
CA LYS B 168 -0.94 7.93 12.88
CA LYS B 168 -0.95 7.94 12.89
C LYS B 168 -1.33 6.51 13.24
N PHE B 169 -2.46 6.05 12.73
CA PHE B 169 -2.91 4.67 12.86
C PHE B 169 -2.74 3.96 11.52
N THR B 170 -1.96 2.88 11.53
CA THR B 170 -1.73 2.02 10.39
C THR B 170 -2.52 0.75 10.61
N PRO B 171 -3.43 0.38 9.71
CA PRO B 171 -4.24 -0.82 9.92
C PRO B 171 -3.47 -2.08 9.59
N ILE B 172 -3.80 -3.14 10.33
CA ILE B 172 -3.27 -4.48 10.08
C ILE B 172 -4.39 -5.46 9.74
N GLY B 173 -5.47 -5.44 10.51
CA GLY B 173 -6.56 -6.36 10.27
C GLY B 173 -7.69 -6.09 11.23
N LEU B 174 -8.23 -7.14 11.83
CA LEU B 174 -9.41 -7.04 12.69
C LEU B 174 -9.12 -7.68 14.03
N ASN B 175 -9.84 -7.20 15.06
CA ASN B 175 -9.74 -7.81 16.38
C ASN B 175 -10.64 -9.04 16.53
N ASP B 176 -11.72 -9.12 15.75
CA ASP B 176 -12.59 -10.30 15.79
C ASP B 176 -13.25 -10.48 14.44
N ASP B 177 -13.87 -11.65 14.28
CA ASP B 177 -14.56 -12.05 13.08
C ASP B 177 -16.07 -11.81 13.18
N ASP B 178 -16.69 -12.24 14.28
CA ASP B 178 -18.15 -12.26 14.33
C ASP B 178 -18.77 -10.86 14.30
N ASN B 179 -18.04 -9.83 14.73
CA ASN B 179 -18.59 -8.47 14.74
C ASN B 179 -18.12 -7.63 13.57
N PHE B 180 -17.50 -8.26 12.57
CA PHE B 180 -17.10 -7.58 11.35
C PHE B 180 -18.19 -7.80 10.30
N LYS B 181 -18.85 -6.72 9.92
CA LYS B 181 -19.98 -6.73 8.99
C LYS B 181 -19.60 -5.79 7.84
N GLN B 182 -19.03 -6.37 6.79
CA GLN B 182 -18.41 -5.56 5.75
C GLN B 182 -19.42 -4.75 4.94
N TRP B 183 -20.70 -5.14 4.96
CA TRP B 183 -21.72 -4.44 4.19
C TRP B 183 -22.58 -3.54 5.06
N GLU B 184 -22.25 -3.38 6.33
CA GLU B 184 -22.97 -2.47 7.22
C GLU B 184 -22.08 -1.25 7.44
N LEU B 185 -22.53 -0.09 6.96
CA LEU B 185 -21.75 1.13 7.17
C LEU B 185 -21.74 1.51 8.65
N PRO B 186 -20.64 2.08 9.12
CA PRO B 186 -20.65 2.67 10.47
C PRO B 186 -21.48 3.94 10.45
N ASN B 187 -21.77 4.46 11.66
CA ASN B 187 -22.36 5.78 11.83
C ASN B 187 -21.20 6.76 11.87
N TYR B 188 -20.93 7.43 10.75
CA TYR B 188 -19.80 8.35 10.71
C TYR B 188 -19.98 9.53 11.68
N SER B 189 -21.22 9.87 12.05
CA SER B 189 -21.51 10.91 13.02
C SER B 189 -22.10 10.36 14.32
N GLY B 190 -21.96 9.06 14.58
CA GLY B 190 -22.48 8.54 15.81
C GLY B 190 -23.99 8.37 15.88
N ALA B 191 -24.43 8.22 17.11
CA ALA B 191 -25.76 7.72 17.37
C ALA B 191 -26.79 8.75 16.92
N LEU B 192 -27.85 8.23 16.35
CA LEU B 192 -29.05 8.94 15.96
C LEU B 192 -28.86 9.90 14.79
N THR B 193 -27.71 9.88 14.13
CA THR B 193 -27.44 10.80 13.03
C THR B 193 -27.16 9.97 11.78
N LEU B 194 -27.80 10.34 10.68
CA LEU B 194 -27.66 9.61 9.43
C LEU B 194 -26.34 9.98 8.75
N ASN B 195 -25.86 9.06 7.92
CA ASN B 195 -24.69 9.34 7.10
C ASN B 195 -25.06 10.24 5.92
N MET B 196 -24.03 10.90 5.39
CA MET B 196 -24.18 11.87 4.32
CA MET B 196 -24.16 11.90 4.33
C MET B 196 -23.06 11.68 3.30
N GLY B 197 -23.23 12.31 2.13
CA GLY B 197 -22.19 12.31 1.10
C GLY B 197 -21.85 10.96 0.53
N LEU B 198 -22.77 10.00 0.59
CA LEU B 198 -22.45 8.61 0.28
C LEU B 198 -22.37 8.33 -1.22
N ALA B 199 -21.44 7.47 -1.58
CA ALA B 199 -21.54 6.79 -2.87
C ALA B 199 -22.78 5.90 -2.84
N PRO B 200 -23.51 5.82 -3.94
CA PRO B 200 -24.78 5.09 -3.92
C PRO B 200 -24.58 3.58 -3.82
N SER B 201 -25.63 2.91 -3.37
CA SER B 201 -25.61 1.46 -3.42
C SER B 201 -25.61 0.98 -4.86
N VAL B 202 -25.09 -0.22 -5.09
CA VAL B 202 -25.00 -0.79 -6.42
C VAL B 202 -25.66 -2.16 -6.41
N PHE B 203 -26.25 -2.52 -7.53
CA PHE B 203 -26.90 -3.81 -7.64
C PHE B 203 -27.07 -4.17 -9.11
N PRO B 204 -27.17 -5.46 -9.43
CA PRO B 204 -27.46 -5.85 -10.81
C PRO B 204 -28.92 -5.57 -11.13
N THR B 205 -29.17 -4.99 -12.29
CA THR B 205 -30.53 -4.80 -12.76
C THR B 205 -30.94 -5.84 -13.78
N TYR B 206 -30.01 -6.43 -14.47
CA TYR B 206 -30.34 -7.37 -15.53
C TYR B 206 -30.60 -8.75 -14.94
N PRO B 207 -31.69 -9.42 -15.31
CA PRO B 207 -31.97 -10.74 -14.72
CA PRO B 207 -31.97 -10.74 -14.72
C PRO B 207 -30.83 -11.72 -14.99
N GLY B 208 -30.46 -12.46 -13.95
CA GLY B 208 -29.41 -13.44 -14.11
C GLY B 208 -28.01 -12.93 -13.82
N GLU B 209 -27.85 -11.66 -13.49
CA GLU B 209 -26.54 -11.11 -13.20
C GLU B 209 -26.26 -10.97 -11.71
N GLN B 210 -24.98 -11.06 -11.36
CA GLN B 210 -24.46 -10.81 -10.03
C GLN B 210 -23.32 -9.81 -10.13
N ILE B 211 -23.02 -9.16 -9.00
CA ILE B 211 -21.82 -8.33 -8.93
C ILE B 211 -20.60 -9.23 -8.84
N LEU B 212 -19.53 -8.83 -9.52
CA LEU B 212 -18.23 -9.46 -9.40
C LEU B 212 -17.35 -8.59 -8.50
N PHE B 213 -16.76 -9.19 -7.49
CA PHE B 213 -15.96 -8.52 -6.49
C PHE B 213 -14.50 -9.01 -6.54
N PHE B 214 -13.62 -8.19 -5.96
CA PHE B 214 -12.22 -8.51 -5.75
C PHE B 214 -12.05 -8.69 -4.25
N ARG B 215 -11.72 -9.91 -3.83
CA ARG B 215 -11.75 -10.30 -2.43
C ARG B 215 -10.35 -10.45 -1.86
N SER B 216 -10.19 -10.00 -0.61
CA SER B 216 -9.00 -10.24 0.18
C SER B 216 -9.35 -10.74 1.56
N TYR B 217 -8.58 -11.72 2.04
CA TYR B 217 -8.65 -12.16 3.44
CA TYR B 217 -8.70 -12.12 3.44
C TYR B 217 -7.92 -11.16 4.32
N LEU B 218 -8.35 -11.06 5.56
CA LEU B 218 -7.77 -10.11 6.50
C LEU B 218 -7.19 -10.80 7.72
N PRO B 219 -6.09 -10.31 8.25
CA PRO B 219 -5.54 -10.87 9.47
C PRO B 219 -6.42 -10.60 10.68
N LEU B 220 -6.29 -11.47 11.70
CA LEU B 220 -6.92 -11.32 12.99
C LEU B 220 -5.88 -11.22 14.08
N LYS B 221 -6.19 -10.39 15.09
CA LYS B 221 -5.36 -10.30 16.28
C LYS B 221 -5.35 -11.60 17.06
N GLY B 222 -6.45 -12.33 17.05
CA GLY B 222 -6.60 -13.52 17.85
C GLY B 222 -7.90 -14.20 17.51
N GLY B 223 -8.12 -15.33 18.16
CA GLY B 223 -9.35 -16.07 17.97
C GLY B 223 -9.41 -16.79 16.64
N TYR B 224 -10.64 -17.14 16.25
CA TYR B 224 -10.91 -18.00 15.12
C TYR B 224 -11.55 -17.22 13.98
N GLY B 225 -11.32 -17.73 12.76
CA GLY B 225 -12.00 -17.22 11.58
C GLY B 225 -11.04 -16.89 10.45
N SER B 226 -11.67 -16.62 9.30
CA SER B 226 -11.00 -16.22 8.07
CA SER B 226 -10.98 -16.20 8.09
C SER B 226 -11.79 -15.09 7.43
N PRO B 227 -11.82 -13.92 8.07
CA PRO B 227 -12.63 -12.81 7.53
C PRO B 227 -12.07 -12.31 6.21
N PHE B 228 -12.97 -11.74 5.40
CA PHE B 228 -12.62 -11.25 4.08
C PHE B 228 -13.38 -9.97 3.77
N ILE B 229 -12.84 -9.21 2.83
CA ILE B 229 -13.44 -7.94 2.42
C ILE B 229 -13.44 -7.90 0.90
N ASP B 230 -14.57 -7.48 0.34
CA ASP B 230 -14.83 -7.47 -1.09
C ASP B 230 -14.91 -6.04 -1.60
N CYS B 231 -14.11 -5.71 -2.60
CA CYS B 231 -14.16 -4.38 -3.20
C CYS B 231 -14.70 -4.46 -4.62
N LEU B 232 -15.20 -3.32 -5.09
CA LEU B 232 -15.83 -3.26 -6.41
C LEU B 232 -14.81 -3.20 -7.55
N VAL B 233 -13.73 -2.46 -7.37
CA VAL B 233 -12.59 -2.45 -8.29
C VAL B 233 -11.32 -2.35 -7.46
N PRO B 234 -10.20 -2.83 -8.00
CA PRO B 234 -8.92 -2.66 -7.29
C PRO B 234 -8.53 -1.21 -7.15
N GLN B 235 -7.69 -0.92 -6.15
CA GLN B 235 -7.24 0.45 -5.96
C GLN B 235 -6.51 0.96 -7.18
N GLU B 236 -5.77 0.10 -7.89
CA GLU B 236 -5.03 0.54 -9.06
C GLU B 236 -5.98 0.94 -10.19
N TRP B 237 -7.19 0.36 -10.22
CA TRP B 237 -8.19 0.83 -11.17
C TRP B 237 -8.71 2.22 -10.80
N VAL B 238 -8.93 2.48 -9.50
CA VAL B 238 -9.30 3.82 -9.06
C VAL B 238 -8.29 4.83 -9.58
N ALA B 239 -7.00 4.55 -9.37
CA ALA B 239 -5.98 5.51 -9.76
C ALA B 239 -5.90 5.66 -11.26
N HIS B 240 -6.14 4.57 -12.00
CA HIS B 240 -6.11 4.63 -13.45
C HIS B 240 -7.26 5.48 -13.99
N PHE B 241 -8.49 5.19 -13.56
CA PHE B 241 -9.64 5.94 -14.06
C PHE B 241 -9.54 7.41 -13.66
N TYR B 242 -9.10 7.68 -12.43
CA TYR B 242 -8.92 9.05 -11.96
C TYR B 242 -7.97 9.82 -12.87
N GLN B 243 -6.83 9.23 -13.23
CA GLN B 243 -5.88 9.92 -14.08
C GLN B 243 -6.38 10.03 -15.52
N GLU B 244 -6.91 8.93 -16.06
CA GLU B 244 -7.26 8.93 -17.47
C GLU B 244 -8.47 9.83 -17.74
N SER B 245 -9.43 9.84 -16.82
CA SER B 245 -10.65 10.62 -17.00
CA SER B 245 -10.67 10.58 -16.99
C SER B 245 -11.21 10.44 -18.41
N ALA B 246 -11.26 9.21 -18.86
CA ALA B 246 -11.72 8.93 -20.23
C ALA B 246 -13.23 9.06 -20.33
N PRO B 247 -13.76 9.72 -21.35
CA PRO B 247 -15.21 9.85 -21.49
CA PRO B 247 -15.21 9.85 -21.48
C PRO B 247 -15.88 8.49 -21.63
N ALA B 248 -16.99 8.32 -20.91
CA ALA B 248 -17.78 7.09 -21.01
C ALA B 248 -18.70 7.24 -22.21
N GLN B 249 -18.39 6.55 -23.30
CA GLN B 249 -19.18 6.71 -24.51
CA GLN B 249 -19.18 6.68 -24.53
C GLN B 249 -20.62 6.25 -24.30
N THR B 250 -20.81 5.18 -23.52
CA THR B 250 -22.10 4.74 -23.03
C THR B 250 -21.92 4.48 -21.54
N ASP B 251 -22.97 4.02 -20.89
CA ASP B 251 -22.90 3.76 -19.46
C ASP B 251 -22.43 2.34 -19.11
N VAL B 252 -22.12 1.51 -20.10
CA VAL B 252 -21.69 0.14 -19.84
C VAL B 252 -20.56 -0.20 -20.81
N ALA B 253 -19.42 -0.61 -20.26
CA ALA B 253 -18.32 -1.13 -21.05
C ALA B 253 -18.34 -2.65 -21.00
N LEU B 254 -18.28 -3.28 -22.15
CA LEU B 254 -18.10 -4.72 -22.21
C LEU B 254 -16.62 -5.01 -22.04
N ILE B 255 -16.30 -5.84 -21.05
CA ILE B 255 -14.91 -6.19 -20.74
C ILE B 255 -14.77 -7.70 -20.79
N ARG B 256 -13.59 -8.15 -21.18
CA ARG B 256 -13.29 -9.57 -21.28
C ARG B 256 -12.07 -9.88 -20.42
N TYR B 257 -12.15 -10.97 -19.67
CA TYR B 257 -10.98 -11.42 -18.91
C TYR B 257 -10.14 -12.27 -19.84
N VAL B 258 -8.85 -11.95 -19.96
CA VAL B 258 -8.00 -12.57 -20.96
CA VAL B 258 -8.00 -12.56 -20.96
C VAL B 258 -6.77 -13.15 -20.29
N ASN B 259 -6.29 -14.24 -20.89
CA ASN B 259 -5.00 -14.83 -20.55
C ASN B 259 -4.01 -14.30 -21.57
N PRO B 260 -3.07 -13.43 -21.19
CA PRO B 260 -2.16 -12.84 -22.18
C PRO B 260 -1.17 -13.82 -22.76
N GLU B 261 -0.87 -14.92 -22.06
CA GLU B 261 0.08 -15.89 -22.59
C GLU B 261 -0.55 -16.72 -23.70
N THR B 262 -1.78 -17.21 -23.51
CA THR B 262 -2.45 -17.96 -24.56
C THR B 262 -3.16 -17.05 -25.55
N GLY B 263 -3.44 -15.80 -25.15
CA GLY B 263 -4.21 -14.89 -25.95
C GLY B 263 -5.72 -15.10 -25.92
N ARG B 264 -6.21 -16.07 -25.16
CA ARG B 264 -7.62 -16.41 -25.21
C ARG B 264 -8.43 -15.64 -24.18
N VAL B 265 -9.66 -15.31 -24.56
CA VAL B 265 -10.64 -14.74 -23.66
C VAL B 265 -11.25 -15.85 -22.83
N LEU B 266 -11.47 -15.60 -21.55
CA LEU B 266 -12.00 -16.59 -20.61
C LEU B 266 -13.46 -16.40 -20.26
N PHE B 267 -13.87 -15.16 -20.01
CA PHE B 267 -15.28 -14.83 -19.75
C PHE B 267 -15.44 -13.34 -19.99
N GLU B 268 -16.68 -12.89 -20.01
CA GLU B 268 -16.98 -11.49 -20.23
C GLU B 268 -17.87 -10.95 -19.12
N ALA B 269 -17.88 -9.62 -19.00
CA ALA B 269 -18.55 -8.93 -17.92
C ALA B 269 -18.92 -7.52 -18.38
N LYS B 270 -19.81 -6.88 -17.61
CA LYS B 270 -20.16 -5.49 -17.79
C LYS B 270 -19.48 -4.64 -16.73
N LEU B 271 -18.77 -3.62 -17.17
CA LEU B 271 -18.22 -2.60 -16.28
C LEU B 271 -19.14 -1.37 -16.38
N HIS B 272 -19.92 -1.16 -15.33
CA HIS B 272 -20.86 -0.06 -15.29
C HIS B 272 -20.15 1.25 -15.00
N ARG B 273 -20.64 2.31 -15.63
CA ARG B 273 -20.01 3.62 -15.47
C ARG B 273 -19.88 4.03 -14.02
N GLN B 274 -20.84 3.64 -13.19
CA GLN B 274 -20.79 3.96 -11.78
C GLN B 274 -19.60 3.37 -11.06
N GLY B 275 -18.95 2.35 -11.64
CA GLY B 275 -17.71 1.80 -11.08
C GLY B 275 -17.85 0.43 -10.45
N PHE B 276 -18.61 -0.47 -11.07
CA PHE B 276 -18.72 -1.83 -10.58
C PHE B 276 -18.96 -2.75 -11.76
N ILE B 277 -18.75 -4.04 -11.52
CA ILE B 277 -18.79 -5.08 -12.55
C ILE B 277 -19.93 -6.04 -12.27
N THR B 278 -20.65 -6.43 -13.32
CA THR B 278 -21.59 -7.55 -13.21
C THR B 278 -21.25 -8.65 -14.21
N VAL B 279 -21.65 -9.87 -13.84
CA VAL B 279 -21.43 -11.08 -14.63
C VAL B 279 -22.73 -11.87 -14.65
N ALA B 280 -22.87 -12.71 -15.68
CA ALA B 280 -24.00 -13.63 -15.80
C ALA B 280 -23.61 -14.92 -15.10
N LYS B 281 -24.00 -15.04 -13.84
CA LYS B 281 -23.75 -16.23 -13.05
C LYS B 281 -24.78 -16.28 -11.93
N SER B 282 -25.18 -17.49 -11.57
CA SER B 282 -26.10 -17.72 -10.47
CA SER B 282 -26.10 -17.71 -10.48
C SER B 282 -25.40 -18.59 -9.45
N GLY B 283 -25.15 -18.05 -8.27
CA GLY B 283 -24.56 -18.79 -7.17
C GLY B 283 -23.12 -18.39 -6.91
N ASP B 284 -22.54 -19.12 -5.97
CA ASP B 284 -21.18 -18.90 -5.47
C ASP B 284 -20.50 -20.24 -5.65
N SER B 285 -19.53 -20.29 -6.55
CA SER B 285 -18.75 -21.50 -6.80
C SER B 285 -17.37 -21.06 -7.31
N PRO B 286 -16.38 -21.94 -7.25
CA PRO B 286 -15.01 -21.57 -7.64
C PRO B 286 -14.96 -20.89 -9.00
N ILE B 287 -14.20 -19.80 -9.08
CA ILE B 287 -13.97 -19.07 -10.31
C ILE B 287 -12.61 -19.50 -10.86
N ASN B 288 -12.64 -20.29 -11.92
CA ASN B 288 -11.43 -20.97 -12.41
C ASN B 288 -10.81 -20.13 -13.51
N VAL B 289 -9.89 -19.25 -13.11
CA VAL B 289 -9.18 -18.35 -14.00
C VAL B 289 -7.69 -18.42 -13.71
N PRO B 290 -6.85 -18.08 -14.68
CA PRO B 290 -5.39 -18.13 -14.48
C PRO B 290 -4.89 -16.93 -13.68
N ALA B 291 -3.80 -17.15 -12.97
CA ALA B 291 -3.20 -16.08 -12.18
C ALA B 291 -2.69 -14.93 -13.04
N ASN B 292 -2.39 -15.18 -14.32
CA ASN B 292 -1.90 -14.12 -15.19
C ASN B 292 -3.02 -13.30 -15.84
N GLY B 293 -4.28 -13.57 -15.53
CA GLY B 293 -5.36 -12.96 -16.25
C GLY B 293 -5.67 -11.53 -15.85
N TYR B 294 -6.29 -10.79 -16.77
CA TYR B 294 -6.73 -9.44 -16.49
C TYR B 294 -7.86 -9.07 -17.41
N PHE B 295 -8.63 -8.07 -17.00
CA PHE B 295 -9.71 -7.55 -17.83
C PHE B 295 -9.20 -6.58 -18.88
N ARG B 296 -9.81 -6.65 -20.06
CA ARG B 296 -9.52 -5.81 -21.21
C ARG B 296 -10.82 -5.21 -21.70
N PHE B 297 -10.83 -3.90 -21.92
CA PHE B 297 -11.98 -3.26 -22.54
C PHE B 297 -12.16 -3.75 -23.96
N ASP B 298 -13.39 -4.10 -24.33
CA ASP B 298 -13.75 -4.57 -25.66
CA ASP B 298 -13.62 -4.48 -25.70
C ASP B 298 -14.54 -3.54 -26.45
N SER B 299 -15.64 -3.06 -25.87
CA SER B 299 -16.55 -2.21 -26.61
C SER B 299 -17.56 -1.59 -25.68
N TRP B 300 -18.23 -0.56 -26.16
CA TRP B 300 -19.28 0.12 -25.43
C TRP B 300 -20.62 -0.51 -25.76
N VAL B 301 -21.36 -0.92 -24.72
CA VAL B 301 -22.67 -1.55 -24.88
C VAL B 301 -23.68 -0.80 -24.00
N ASN B 302 -24.79 -1.44 -23.64
CA ASN B 302 -25.74 -0.81 -22.72
C ASN B 302 -26.18 -1.83 -21.68
N GLN B 303 -27.07 -1.40 -20.78
CA GLN B 303 -27.47 -2.24 -19.67
C GLN B 303 -28.24 -3.48 -20.10
N PHE B 304 -28.74 -3.50 -21.34
CA PHE B 304 -29.51 -4.63 -21.84
C PHE B 304 -28.67 -5.64 -22.61
N TYR B 305 -27.35 -5.48 -22.62
CA TYR B 305 -26.49 -6.45 -23.29
C TYR B 305 -26.60 -7.78 -22.56
N SER B 306 -26.74 -8.86 -23.33
CA SER B 306 -26.87 -10.20 -22.75
CA SER B 306 -26.88 -10.21 -22.77
C SER B 306 -25.51 -10.87 -22.73
N LEU B 307 -24.94 -11.00 -21.54
CA LEU B 307 -23.63 -11.59 -21.40
C LEU B 307 -23.69 -13.10 -21.59
N ALA B 308 -22.61 -13.65 -22.13
CA ALA B 308 -22.42 -15.08 -22.10
C ALA B 308 -22.30 -15.57 -20.67
N PRO B 309 -22.85 -16.74 -20.35
CA PRO B 309 -22.75 -17.26 -18.99
C PRO B 309 -21.32 -17.50 -18.58
N MET B 310 -20.95 -16.98 -17.42
CA MET B 310 -19.63 -17.20 -16.88
C MET B 310 -19.57 -18.59 -16.26
C1 EDO C . 19.78 11.39 0.13
O1 EDO C . 19.58 10.39 1.14
C2 EDO C . 21.24 11.40 -0.28
O2 EDO C . 22.05 11.53 0.89
H11 EDO C . 19.49 12.36 0.52
H12 EDO C . 19.14 11.17 -0.73
HO1 EDO C . 18.66 10.40 1.42
H21 EDO C . 21.48 10.48 -0.81
H22 EDO C . 21.43 12.24 -0.96
HO2 EDO C . 22.98 11.56 0.63
C1 EDO D . -7.62 13.30 -4.38
O1 EDO D . -6.22 13.12 -4.18
C2 EDO D . -8.36 12.91 -3.10
O2 EDO D . -7.87 13.68 -2.01
H11 EDO D . -7.97 12.70 -5.22
H12 EDO D . -7.83 14.36 -4.61
HO1 EDO D . -5.73 13.43 -4.96
H21 EDO D . -9.43 13.08 -3.23
H22 EDO D . -8.20 11.85 -2.91
HO2 EDO D . -8.37 13.46 -1.21
C1 EDO E . 13.59 -8.37 -10.90
O1 EDO E . 14.98 -8.15 -10.68
C2 EDO E . 12.70 -7.53 -9.98
O2 EDO E . 11.40 -8.00 -10.27
H11 EDO E . 13.36 -9.43 -10.75
H12 EDO E . 13.35 -8.12 -11.94
HO1 EDO E . 15.50 -8.74 -11.26
H21 EDO E . 12.80 -6.46 -10.20
H22 EDO E . 12.96 -7.68 -8.93
HO2 EDO E . 10.75 -7.52 -9.72
C1 EDO F . -6.50 -17.72 19.93
O1 EDO F . -5.82 -16.53 19.51
C2 EDO F . -6.31 -18.71 18.80
O2 EDO F . -4.99 -18.55 18.28
H11 EDO F . -6.07 -18.10 20.86
H12 EDO F . -7.56 -17.53 20.11
HO1 EDO F . -5.91 -15.86 20.20
H21 EDO F . -7.06 -18.54 18.02
H22 EDO F . -6.45 -19.73 19.18
HO2 EDO F . -4.93 -19.01 17.43
C1 EDO G . -0.85 -15.64 7.10
O1 EDO G . -1.52 -15.32 5.88
C2 EDO G . -1.44 -14.82 8.24
O2 EDO G . -1.68 -13.46 7.81
H11 EDO G . 0.21 -15.44 7.01
H12 EDO G . -0.97 -16.70 7.33
HO1 EDO G . -1.15 -15.84 5.16
H21 EDO G . -2.38 -15.27 8.57
H22 EDO G . -0.75 -14.81 9.08
HO2 EDO G . -2.10 -12.96 8.54
C1 EDO H . 24.26 23.13 -10.76
O1 EDO H . 24.47 22.64 -9.43
C2 EDO H . 23.96 24.62 -10.71
O2 EDO H . 22.54 24.81 -10.76
H11 EDO H . 25.16 22.95 -11.36
H12 EDO H . 23.43 22.60 -11.23
HO1 EDO H . 24.64 21.69 -9.46
H21 EDO H . 24.43 25.13 -11.56
H22 EDO H . 24.36 25.06 -9.80
HO2 EDO H . 22.33 25.74 -10.61
C1 EDO I . 6.09 -8.29 24.31
O1 EDO I . 7.02 -7.51 25.08
C2 EDO I . 5.08 -7.34 23.67
O2 EDO I . 5.70 -6.59 22.61
H11 EDO I . 5.57 -9.00 24.96
H12 EDO I . 6.61 -8.85 23.55
HO1 EDO I . 7.50 -8.09 25.68
H21 EDO I . 4.67 -6.66 24.41
H22 EDO I . 4.25 -7.93 23.25
HO2 EDO I . 5.04 -5.98 22.23
C1 EDO J . 24.97 -1.45 12.37
O1 EDO J . 25.87 -2.54 12.66
C2 EDO J . 24.75 -1.35 10.87
O2 EDO J . 24.17 -0.09 10.52
H11 EDO J . 25.39 -0.52 12.74
H12 EDO J . 24.02 -1.62 12.88
HO1 EDO J . 25.98 -2.60 13.62
H21 EDO J . 24.08 -2.15 10.54
H22 EDO J . 25.69 -1.47 10.35
HO2 EDO J . 24.03 -0.05 9.57
C1 EDO K . 25.78 -10.33 7.99
O1 EDO K . 25.81 -10.45 9.42
C2 EDO K . 25.85 -8.86 7.58
O2 EDO K . 25.25 -8.01 8.56
H11 EDO K . 24.87 -10.78 7.61
H12 EDO K . 26.63 -10.87 7.57
HO1 EDO K . 25.78 -11.38 9.67
H21 EDO K . 25.33 -8.74 6.62
H22 EDO K . 26.89 -8.57 7.44
HO2 EDO K . 24.65 -7.39 8.11
C1 EDO L . -1.45 0.48 -22.11
O1 EDO L . -0.61 1.38 -22.84
C2 EDO L . -0.59 -0.45 -21.27
O2 EDO L . 0.34 -1.11 -22.14
H11 EDO L . -2.06 -0.09 -22.80
H12 EDO L . -2.12 1.05 -21.46
HO1 EDO L . -1.15 1.97 -23.38
H21 EDO L . -1.21 -1.18 -20.76
H22 EDO L . -0.04 0.12 -20.52
HO2 EDO L . 0.89 -1.71 -21.63
CL CL M . 13.57 14.71 15.07
CL CL N . 24.04 9.48 -17.18
C1 EDO O . 11.49 7.07 24.47
O1 EDO O . 11.39 5.90 23.65
C2 EDO O . 10.93 8.27 23.71
O2 EDO O . 9.51 8.17 23.47
H11 EDO O . 12.54 7.25 24.73
H12 EDO O . 10.94 6.91 25.39
HO1 EDO O . 11.75 5.14 24.13
H21 EDO O . 11.14 9.18 24.30
H22 EDO O . 11.45 8.37 22.76
HO2 EDO O . 9.25 8.84 22.82
C1 EDO P . -20.09 -10.70 -1.26
O1 EDO P . -19.65 -10.30 0.03
C2 EDO P . -21.60 -10.53 -1.36
O2 EDO P . -22.22 -11.22 -0.28
H11 EDO P . -19.59 -10.08 -2.02
H12 EDO P . -19.81 -11.74 -1.44
HO1 EDO P . -18.69 -10.39 0.10
H21 EDO P . -21.94 -10.94 -2.32
H22 EDO P . -21.86 -9.47 -1.34
HO2 EDO P . -23.19 -11.11 -0.35
C1 EDO Q . 6.95 -9.29 -10.45
O1 EDO Q . 6.65 -10.52 -9.76
C2 EDO Q . 5.86 -8.98 -11.47
O2 EDO Q . 4.58 -9.03 -10.82
H11 EDO Q . 7.01 -8.48 -9.72
H12 EDO Q . 7.91 -9.38 -10.94
HO1 EDO Q . 7.35 -10.71 -9.12
H21 EDO Q . 5.90 -9.71 -12.28
H22 EDO Q . 6.03 -7.99 -11.89
HO2 EDO Q . 3.89 -8.85 -11.47
C1 EDO R . -9.64 -3.95 22.35
O1 EDO R . -10.65 -4.12 23.35
C2 EDO R . -8.70 -2.83 22.81
O2 EDO R . -9.51 -1.71 23.19
H11 EDO R . -9.08 -4.87 22.22
H12 EDO R . -10.09 -3.68 21.39
HO1 EDO R . -11.26 -4.82 23.07
H21 EDO R . -8.02 -2.56 22.01
H22 EDO R . -8.11 -3.17 23.66
HO2 EDO R . -8.99 -1.13 23.77
C1 EDO S . 8.35 15.11 10.46
O1 EDO S . 9.66 15.54 10.86
C2 EDO S . 8.17 13.65 10.86
O2 EDO S . 6.79 13.33 11.12
H11 EDO S . 7.59 15.73 10.94
H12 EDO S . 8.24 15.23 9.38
HO1 EDO S . 9.80 16.45 10.55
H21 EDO S . 8.76 13.45 11.75
H22 EDO S . 8.54 13.01 10.05
HO2 EDO S . 6.68 12.37 11.14
C1 EDO T . 4.27 8.62 12.73
O1 EDO T . 5.63 8.74 13.16
C2 EDO T . 3.34 9.41 13.64
O2 EDO T . 3.11 10.74 13.13
H11 EDO T . 3.97 7.57 12.73
H12 EDO T . 4.18 8.99 11.70
HO1 EDO T . 6.21 8.31 12.52
H21 EDO T . 3.79 9.49 14.64
H22 EDO T . 2.38 8.89 13.74
HO2 EDO T . 2.54 11.23 13.74
C1 EDO U . -0.70 1.35 -6.36
O1 EDO U . 0.59 1.62 -5.81
C2 EDO U . -1.77 1.46 -5.29
O2 EDO U . -1.52 0.44 -4.30
H11 EDO U . -0.71 0.34 -6.79
H12 EDO U . -0.92 2.05 -7.17
HO1 EDO U . 1.26 1.55 -6.50
H21 EDO U . -2.76 1.32 -5.73
H22 EDO U . -1.74 2.44 -4.82
HO2 EDO U . -2.19 0.50 -3.61
CL CL V . -11.85 -20.23 9.40
#